data_6KZA
#
_entry.id   6KZA
#
_cell.length_a   121.560
_cell.length_b   121.560
_cell.length_c   105.550
_cell.angle_alpha   90.000
_cell.angle_beta   90.000
_cell.angle_gamma   90.000
#
_symmetry.space_group_name_H-M   'P 42 21 2'
#
loop_
_entity.id
_entity.type
_entity.pdbx_description
1 polymer 'Replicative DNA helicase'
2 polymer 'DNA replication protein DnaC'
#
loop_
_entity_poly.entity_id
_entity_poly.type
_entity_poly.pdbx_seq_one_letter_code
_entity_poly.pdbx_strand_id
1 'polypeptide(L)'
;KNIADVLDATVARIEQLFQQPHDGVTGVNTGYDDLNKKTAGLQPSDLIIVAARPSMGKTTFAMNLVENAAMLQDKPVLIF
SLEMPSEQIMMRSLASLSRVDQTKIRTGQLDDEDWARISGTMGILLEKRNIYIDDSSGLTPTEVRSRARRIAREHGGIGL
IMIDYLQLMRVPALSDNRTLEIAEISRSLKALAKELNVPVVALSQLNRSLEQRADKRPVNSDLRESGSIEQDADLIMFIY
RDEVYHENSDLKGIAEIIIGKQRNGPIGTVRLTFNGQWSRFDNYAGPQYDDE
;
A,B
2 'polypeptide(L)' MKNVGDLMQRLQKMMPAHIKPAFKTGEELLAWQKEQGAIRSAALERENRAMKMQRT C,D
#
# COMPACT_ATOMS: atom_id res chain seq x y z
N LYS A 1 5.27 -54.69 -32.11
CA LYS A 1 5.31 -54.27 -30.67
C LYS A 1 3.96 -54.49 -29.97
N ASN A 2 3.91 -55.49 -29.09
CA ASN A 2 2.69 -55.86 -28.39
C ASN A 2 2.29 -54.87 -27.28
N ILE A 3 1.10 -55.06 -26.73
CA ILE A 3 0.53 -54.17 -25.71
C ILE A 3 1.41 -54.03 -24.45
N ALA A 4 2.10 -55.11 -24.08
CA ALA A 4 2.95 -55.11 -22.89
C ALA A 4 4.12 -54.15 -23.02
N ASP A 5 4.81 -54.20 -24.16
CA ASP A 5 5.97 -53.35 -24.43
C ASP A 5 5.60 -51.87 -24.45
N VAL A 6 4.49 -51.54 -25.11
CA VAL A 6 4.05 -50.14 -25.22
C VAL A 6 3.54 -49.60 -23.87
N LEU A 7 2.85 -50.44 -23.10
CA LEU A 7 2.39 -50.05 -21.77
C LEU A 7 3.55 -49.86 -20.80
N ASP A 8 4.61 -50.65 -20.96
CA ASP A 8 5.85 -50.49 -20.20
C ASP A 8 6.39 -49.06 -20.37
N ALA A 9 6.38 -48.58 -21.60
CA ALA A 9 6.86 -47.23 -21.92
C ALA A 9 5.97 -46.14 -21.30
N THR A 10 4.66 -46.35 -21.33
CA THR A 10 3.70 -45.35 -20.84
C THR A 10 3.79 -45.13 -19.33
N VAL A 11 3.81 -46.23 -18.57
CA VAL A 11 3.91 -46.12 -17.10
C VAL A 11 5.23 -45.49 -16.66
N ALA A 12 6.29 -45.72 -17.42
CA ALA A 12 7.60 -45.13 -17.15
C ALA A 12 7.56 -43.60 -17.15
N ARG A 13 6.93 -43.03 -18.17
CA ARG A 13 6.81 -41.56 -18.28
C ARG A 13 5.98 -40.98 -17.15
N ILE A 14 5.02 -41.76 -16.64
CA ILE A 14 4.24 -41.36 -15.47
C ILE A 14 5.08 -41.55 -14.21
N GLU A 15 5.70 -42.72 -14.08
CA GLU A 15 6.58 -43.04 -12.95
C GLU A 15 7.68 -42.00 -12.70
N GLN A 16 8.23 -41.46 -13.77
CA GLN A 16 9.33 -40.49 -13.68
C GLN A 16 8.90 -39.18 -12.98
N LEU A 17 7.81 -38.59 -13.44
CA LEU A 17 7.35 -37.29 -12.93
C LEU A 17 6.47 -37.39 -11.68
N PHE A 18 6.05 -38.59 -11.33
CA PHE A 18 5.17 -38.79 -10.16
C PHE A 18 5.93 -38.66 -8.85
N GLN A 19 7.03 -39.41 -8.72
CA GLN A 19 7.83 -39.41 -7.50
C GLN A 19 8.51 -38.07 -7.26
N GLN A 20 8.72 -37.74 -5.98
CA GLN A 20 9.40 -36.50 -5.59
C GLN A 20 10.92 -36.68 -5.68
N PRO A 21 11.66 -35.64 -6.08
CA PRO A 21 13.11 -35.75 -6.24
C PRO A 21 13.92 -35.57 -4.94
N HIS A 22 13.28 -35.18 -3.84
CA HIS A 22 13.97 -34.90 -2.58
C HIS A 22 13.67 -35.93 -1.49
N ASP A 23 14.73 -36.37 -0.81
CA ASP A 23 14.60 -37.19 0.40
C ASP A 23 14.77 -36.30 1.61
N GLY A 24 13.66 -35.97 2.26
CA GLY A 24 13.68 -35.08 3.43
C GLY A 24 13.56 -33.62 3.05
N VAL A 25 13.17 -32.79 4.03
CA VAL A 25 12.94 -31.35 3.78
C VAL A 25 14.24 -30.54 3.80
N THR A 26 14.62 -30.03 2.63
CA THR A 26 15.76 -29.12 2.52
C THR A 26 15.37 -27.70 2.94
N GLY A 27 14.16 -27.29 2.57
CA GLY A 27 13.62 -25.98 2.94
C GLY A 27 12.96 -25.98 4.31
N VAL A 28 12.19 -24.94 4.61
CA VAL A 28 11.52 -24.82 5.91
C VAL A 28 10.27 -25.69 5.92
N ASN A 29 10.02 -26.34 7.06
CA ASN A 29 8.89 -27.26 7.18
C ASN A 29 7.56 -26.52 7.14
N THR A 30 6.70 -26.92 6.20
CA THR A 30 5.39 -26.29 6.01
C THR A 30 4.39 -26.72 7.09
N GLY A 31 4.63 -27.88 7.68
CA GLY A 31 3.71 -28.47 8.65
C GLY A 31 2.61 -29.29 8.00
N TYR A 32 2.74 -29.56 6.70
CA TYR A 32 1.77 -30.32 5.94
C TYR A 32 2.48 -31.36 5.08
N ASP A 33 2.25 -32.64 5.38
CA ASP A 33 3.01 -33.75 4.79
C ASP A 33 2.97 -33.82 3.27
N ASP A 34 1.76 -33.82 2.71
CA ASP A 34 1.60 -33.89 1.25
C ASP A 34 2.27 -32.71 0.54
N LEU A 35 2.25 -31.55 1.19
CA LEU A 35 2.91 -30.34 0.67
C LEU A 35 4.43 -30.41 0.85
N ASN A 36 4.88 -30.98 1.97
CA ASN A 36 6.31 -31.20 2.20
C ASN A 36 6.92 -32.14 1.18
N LYS A 37 6.19 -33.19 0.83
CA LYS A 37 6.62 -34.15 -0.19
C LYS A 37 6.73 -33.48 -1.56
N LYS A 38 5.78 -32.60 -1.87
CA LYS A 38 5.71 -31.95 -3.18
C LYS A 38 6.73 -30.81 -3.34
N THR A 39 7.07 -30.15 -2.23
CA THR A 39 7.98 -28.98 -2.28
C THR A 39 9.36 -29.17 -1.64
N ALA A 40 9.49 -30.18 -0.78
CA ALA A 40 10.72 -30.40 0.01
C ALA A 40 11.02 -29.20 0.92
N GLY A 41 9.97 -28.59 1.47
CA GLY A 41 10.09 -27.38 2.27
C GLY A 41 10.22 -26.15 1.40
N LEU A 42 10.01 -24.99 2.01
CA LEU A 42 10.09 -23.71 1.29
C LEU A 42 11.56 -23.31 1.16
N GLN A 43 12.06 -23.34 -0.06
CA GLN A 43 13.50 -23.23 -0.31
C GLN A 43 14.02 -21.81 -0.12
N PRO A 44 15.23 -21.66 0.46
CA PRO A 44 15.87 -20.35 0.52
C PRO A 44 16.08 -19.72 -0.86
N SER A 45 15.96 -18.40 -0.92
CA SER A 45 16.07 -17.61 -2.15
C SER A 45 15.02 -17.98 -3.21
N ASP A 46 13.82 -18.34 -2.75
CA ASP A 46 12.68 -18.61 -3.64
C ASP A 46 11.56 -17.61 -3.34
N LEU A 47 11.13 -16.89 -4.37
CA LEU A 47 9.94 -16.05 -4.26
C LEU A 47 8.71 -16.94 -4.40
N ILE A 48 7.92 -17.02 -3.34
CA ILE A 48 6.75 -17.88 -3.31
C ILE A 48 5.47 -17.02 -3.33
N ILE A 49 4.60 -17.31 -4.29
CA ILE A 49 3.39 -16.53 -4.49
C ILE A 49 2.15 -17.33 -4.10
N VAL A 50 1.53 -16.94 -3.00
CA VAL A 50 0.27 -17.52 -2.56
C VAL A 50 -0.87 -16.65 -3.05
N ALA A 51 -1.56 -17.10 -4.10
CA ALA A 51 -2.60 -16.29 -4.75
C ALA A 51 -3.94 -17.01 -4.77
N ALA A 52 -5.01 -16.24 -4.57
CA ALA A 52 -6.37 -16.79 -4.60
C ALA A 52 -7.41 -15.69 -4.66
N ARG A 53 -8.63 -16.07 -5.01
CA ARG A 53 -9.79 -15.19 -4.94
C ARG A 53 -10.17 -14.98 -3.48
N PRO A 54 -10.99 -13.95 -3.20
CA PRO A 54 -11.43 -13.75 -1.82
C PRO A 54 -12.28 -14.89 -1.28
N SER A 55 -12.17 -15.15 0.02
CA SER A 55 -12.93 -16.18 0.75
C SER A 55 -12.38 -17.60 0.56
N MET A 56 -11.20 -17.72 -0.04
CA MET A 56 -10.52 -19.00 -0.18
C MET A 56 -9.64 -19.31 1.04
N GLY A 57 -9.25 -18.26 1.75
CA GLY A 57 -8.37 -18.40 2.92
C GLY A 57 -6.89 -18.25 2.59
N LYS A 58 -6.57 -17.48 1.54
CA LYS A 58 -5.19 -17.29 1.13
C LYS A 58 -4.33 -16.69 2.25
N THR A 59 -4.90 -15.74 2.97
CA THR A 59 -4.20 -15.07 4.06
C THR A 59 -3.99 -15.98 5.27
N THR A 60 -5.01 -16.77 5.61
CA THR A 60 -4.90 -17.71 6.73
C THR A 60 -3.99 -18.88 6.42
N PHE A 61 -3.96 -19.32 5.16
CA PHE A 61 -3.05 -20.39 4.72
C PHE A 61 -1.60 -19.94 4.89
N ALA A 62 -1.29 -18.77 4.33
CA ALA A 62 0.03 -18.18 4.44
C ALA A 62 0.42 -17.97 5.90
N MET A 63 -0.56 -17.63 6.71
CA MET A 63 -0.34 -17.43 8.14
C MET A 63 -0.11 -18.74 8.88
N ASN A 64 -0.80 -19.81 8.45
CA ASN A 64 -0.53 -21.15 8.96
C ASN A 64 0.91 -21.60 8.68
N LEU A 65 1.39 -21.29 7.49
CA LEU A 65 2.77 -21.63 7.12
C LEU A 65 3.77 -20.94 8.05
N VAL A 66 3.50 -19.68 8.38
CA VAL A 66 4.36 -18.92 9.28
C VAL A 66 4.22 -19.42 10.72
N GLU A 67 3.00 -19.77 11.11
CA GLU A 67 2.74 -20.37 12.43
C GLU A 67 3.48 -21.71 12.58
N ASN A 68 3.42 -22.53 11.55
CA ASN A 68 4.14 -23.82 11.54
C ASN A 68 5.65 -23.62 11.51
N ALA A 69 6.11 -22.65 10.71
CA ALA A 69 7.52 -22.31 10.63
C ALA A 69 8.08 -21.83 11.97
N ALA A 70 7.25 -21.16 12.76
CA ALA A 70 7.65 -20.65 14.07
C ALA A 70 7.87 -21.77 15.09
N MET A 71 7.08 -22.84 14.98
CA MET A 71 7.17 -23.97 15.91
C MET A 71 8.29 -24.94 15.53
N LEU A 72 8.43 -25.21 14.24
CA LEU A 72 9.36 -26.23 13.74
C LEU A 72 10.75 -25.68 13.38
N GLN A 73 11.10 -24.53 13.92
CA GLN A 73 12.35 -23.84 13.55
C GLN A 73 12.56 -22.67 14.49
N ASP A 74 13.81 -22.47 14.91
CA ASP A 74 14.15 -21.51 15.98
C ASP A 74 14.53 -20.11 15.49
N LYS A 75 14.96 -19.98 14.24
CA LYS A 75 15.34 -18.67 13.68
C LYS A 75 14.09 -17.85 13.29
N PRO A 76 14.22 -16.51 13.26
CA PRO A 76 13.03 -15.65 13.22
C PRO A 76 12.25 -15.64 11.91
N VAL A 77 10.93 -15.57 12.03
CA VAL A 77 10.03 -15.40 10.88
C VAL A 77 9.46 -13.97 10.89
N LEU A 78 9.48 -13.33 9.73
CA LEU A 78 9.10 -11.92 9.60
C LEU A 78 7.80 -11.80 8.82
N ILE A 79 6.84 -11.06 9.38
CA ILE A 79 5.53 -10.88 8.76
C ILE A 79 5.25 -9.39 8.56
N PHE A 80 5.02 -9.01 7.31
CA PHE A 80 4.56 -7.65 6.99
C PHE A 80 3.06 -7.67 6.76
N SER A 81 2.33 -7.19 7.76
CA SER A 81 0.87 -7.10 7.68
C SER A 81 0.45 -5.73 7.17
N LEU A 82 0.31 -5.62 5.86
CA LEU A 82 -0.13 -4.40 5.22
C LEU A 82 -1.65 -4.20 5.32
N GLU A 83 -2.39 -5.31 5.45
CA GLU A 83 -3.85 -5.27 5.52
C GLU A 83 -4.33 -4.97 6.95
N MET A 84 -4.06 -5.90 7.87
CA MET A 84 -4.61 -5.84 9.22
C MET A 84 -3.62 -5.27 10.24
N PRO A 85 -4.13 -4.84 11.41
CA PRO A 85 -3.25 -4.48 12.52
C PRO A 85 -2.55 -5.70 13.11
N SER A 86 -1.38 -5.49 13.70
CA SER A 86 -0.58 -6.58 14.29
C SER A 86 -1.41 -7.45 15.22
N GLU A 87 -2.04 -6.79 16.19
CA GLU A 87 -2.84 -7.47 17.22
C GLU A 87 -4.08 -8.20 16.68
N GLN A 88 -4.66 -7.67 15.60
CA GLN A 88 -5.82 -8.30 14.97
C GLN A 88 -5.42 -9.64 14.33
N ILE A 89 -4.22 -9.67 13.77
CA ILE A 89 -3.65 -10.88 13.18
C ILE A 89 -3.30 -11.90 14.27
N MET A 90 -2.64 -11.42 15.32
CA MET A 90 -2.12 -12.31 16.36
C MET A 90 -3.24 -13.01 17.13
N MET A 91 -4.34 -12.32 17.36
CA MET A 91 -5.53 -12.91 17.97
C MET A 91 -6.07 -14.07 17.11
N ARG A 92 -6.00 -13.89 15.80
CA ARG A 92 -6.38 -14.91 14.84
C ARG A 92 -5.46 -16.12 14.89
N SER A 93 -4.16 -15.88 15.07
CA SER A 93 -3.16 -16.95 15.21
C SER A 93 -3.34 -17.75 16.50
N LEU A 94 -3.74 -17.06 17.57
CA LEU A 94 -4.06 -17.72 18.83
C LEU A 94 -5.21 -18.71 18.65
N ALA A 95 -6.27 -18.26 17.99
CA ALA A 95 -7.41 -19.11 17.65
C ALA A 95 -6.98 -20.29 16.77
N SER A 96 -6.16 -19.99 15.77
CA SER A 96 -5.64 -20.99 14.83
C SER A 96 -4.85 -22.08 15.55
N LEU A 97 -3.81 -21.66 16.28
CA LEU A 97 -2.93 -22.59 16.99
C LEU A 97 -3.65 -23.35 18.10
N SER A 98 -4.46 -22.62 18.88
CA SER A 98 -5.18 -23.22 20.00
C SER A 98 -6.48 -23.92 19.59
N ARG A 99 -6.86 -23.77 18.32
CA ARG A 99 -8.04 -24.43 17.76
C ARG A 99 -9.34 -24.11 18.49
N VAL A 100 -9.47 -22.85 18.91
CA VAL A 100 -10.69 -22.39 19.59
C VAL A 100 -11.50 -21.51 18.62
N ASP A 101 -12.81 -21.71 18.61
CA ASP A 101 -13.70 -20.96 17.73
C ASP A 101 -13.47 -19.46 17.92
N GLN A 102 -13.27 -18.75 16.81
CA GLN A 102 -12.85 -17.36 16.83
C GLN A 102 -13.96 -16.43 17.34
N THR A 103 -15.20 -16.76 17.02
CA THR A 103 -16.37 -16.03 17.51
C THR A 103 -16.42 -15.97 19.04
N LYS A 104 -16.05 -17.06 19.68
CA LYS A 104 -16.04 -17.15 21.14
C LYS A 104 -15.02 -16.21 21.79
N ILE A 105 -13.92 -15.92 21.08
CA ILE A 105 -12.94 -14.95 21.56
C ILE A 105 -13.50 -13.54 21.43
N ARG A 106 -14.15 -13.26 20.30
CA ARG A 106 -14.69 -11.93 20.01
C ARG A 106 -15.90 -11.55 20.85
N THR A 107 -16.88 -12.46 20.95
CA THR A 107 -18.14 -12.17 21.63
C THR A 107 -18.50 -13.17 22.72
N GLY A 108 -18.66 -14.43 22.32
CA GLY A 108 -19.18 -15.48 23.21
C GLY A 108 -18.32 -15.81 24.41
N GLN A 109 -18.83 -16.71 25.24
CA GLN A 109 -18.11 -17.17 26.42
C GLN A 109 -16.96 -18.10 26.03
N LEU A 110 -15.80 -17.90 26.65
CA LEU A 110 -14.65 -18.78 26.47
C LEU A 110 -14.65 -19.84 27.56
N ASP A 111 -14.65 -21.11 27.15
CA ASP A 111 -14.66 -22.24 28.09
C ASP A 111 -13.34 -22.33 28.86
N ASP A 112 -13.38 -22.98 30.01
CA ASP A 112 -12.17 -23.25 30.80
C ASP A 112 -11.19 -24.09 29.99
N GLU A 113 -11.73 -24.99 29.17
CA GLU A 113 -10.93 -25.79 28.24
C GLU A 113 -10.23 -24.89 27.21
N ASP A 114 -10.99 -23.96 26.62
CA ASP A 114 -10.46 -23.03 25.63
C ASP A 114 -9.38 -22.12 26.19
N TRP A 115 -9.65 -21.52 27.35
CA TRP A 115 -8.68 -20.65 28.04
C TRP A 115 -7.32 -21.33 28.24
N ALA A 116 -7.34 -22.61 28.61
CA ALA A 116 -6.11 -23.36 28.88
C ALA A 116 -5.21 -23.49 27.65
N ARG A 117 -5.81 -23.80 26.52
CA ARG A 117 -5.08 -24.00 25.27
C ARG A 117 -4.36 -22.73 24.79
N ILE A 118 -5.04 -21.59 24.84
CA ILE A 118 -4.43 -20.32 24.42
C ILE A 118 -3.35 -19.85 25.40
N SER A 119 -3.49 -20.21 26.67
CA SER A 119 -2.47 -19.93 27.69
C SER A 119 -1.18 -20.68 27.36
N GLY A 120 -1.33 -21.94 27.00
CA GLY A 120 -0.20 -22.76 26.57
C GLY A 120 0.42 -22.24 25.29
N THR A 121 -0.43 -21.94 24.31
CA THR A 121 0.01 -21.37 23.03
C THR A 121 0.85 -20.12 23.25
N MET A 122 0.32 -19.18 24.01
CA MET A 122 1.00 -17.91 24.29
C MET A 122 2.34 -18.09 25.01
N GLY A 123 2.38 -19.01 25.96
CA GLY A 123 3.61 -19.31 26.69
C GLY A 123 4.72 -19.80 25.77
N ILE A 124 4.35 -20.63 24.80
CA ILE A 124 5.29 -21.19 23.83
C ILE A 124 5.79 -20.12 22.86
N LEU A 125 4.89 -19.24 22.42
CA LEU A 125 5.25 -18.13 21.54
C LEU A 125 6.17 -17.12 22.24
N LEU A 126 5.92 -16.91 23.53
CA LEU A 126 6.77 -16.06 24.36
C LEU A 126 8.13 -16.70 24.63
N GLU A 127 8.17 -18.03 24.69
CA GLU A 127 9.43 -18.77 24.87
C GLU A 127 10.33 -18.64 23.64
N LYS A 128 9.77 -18.95 22.47
CA LYS A 128 10.53 -18.99 21.22
C LYS A 128 11.02 -17.60 20.80
N ARG A 129 10.11 -16.64 20.75
CA ARG A 129 10.39 -15.28 20.27
C ARG A 129 10.91 -15.26 18.83
N ASN A 130 10.21 -15.97 17.95
CA ASN A 130 10.58 -16.06 16.54
C ASN A 130 9.74 -15.15 15.64
N ILE A 131 8.58 -14.75 16.11
CA ILE A 131 7.61 -14.04 15.28
C ILE A 131 7.76 -12.54 15.42
N TYR A 132 8.02 -11.89 14.29
CA TYR A 132 8.17 -10.43 14.23
C TYR A 132 7.20 -9.87 13.21
N ILE A 133 6.22 -9.10 13.69
CA ILE A 133 5.16 -8.58 12.84
C ILE A 133 5.33 -7.07 12.67
N ASP A 134 5.16 -6.60 11.43
CA ASP A 134 5.22 -5.18 11.10
C ASP A 134 3.91 -4.74 10.45
N ASP A 135 3.13 -3.94 11.17
CA ASP A 135 1.80 -3.52 10.70
C ASP A 135 1.83 -2.24 9.86
N SER A 136 3.01 -1.66 9.66
CA SER A 136 3.16 -0.48 8.80
C SER A 136 2.52 -0.74 7.44
N SER A 137 1.67 0.19 7.01
CA SER A 137 0.93 0.04 5.75
C SER A 137 1.55 0.84 4.61
N GLY A 138 1.32 0.38 3.38
CA GLY A 138 1.82 1.04 2.18
C GLY A 138 3.33 1.11 2.12
N LEU A 139 4.00 0.01 2.46
CA LEU A 139 5.46 -0.04 2.47
C LEU A 139 6.03 -0.11 1.07
N THR A 140 7.22 0.47 0.89
CA THR A 140 7.98 0.37 -0.36
C THR A 140 8.93 -0.83 -0.27
N PRO A 141 9.39 -1.33 -1.43
CA PRO A 141 10.37 -2.43 -1.42
C PRO A 141 11.62 -2.10 -0.61
N THR A 142 12.14 -0.89 -0.78
CA THR A 142 13.30 -0.44 -0.01
C THR A 142 13.06 -0.47 1.51
N GLU A 143 11.87 -0.04 1.93
CA GLU A 143 11.49 -0.07 3.35
C GLU A 143 11.39 -1.51 3.84
N VAL A 144 10.67 -2.34 3.09
CA VAL A 144 10.55 -3.77 3.38
C VAL A 144 11.94 -4.40 3.49
N ARG A 145 12.82 -4.08 2.55
CA ARG A 145 14.17 -4.64 2.52
C ARG A 145 15.00 -4.23 3.73
N SER A 146 15.12 -2.92 3.95
CA SER A 146 15.96 -2.41 5.04
C SER A 146 15.50 -2.91 6.42
N ARG A 147 14.18 -3.04 6.58
CA ARG A 147 13.60 -3.59 7.81
C ARG A 147 13.92 -5.08 7.98
N ALA A 148 13.83 -5.83 6.89
CA ALA A 148 14.20 -7.25 6.88
C ALA A 148 15.69 -7.44 7.16
N ARG A 149 16.52 -6.55 6.61
CA ARG A 149 17.95 -6.56 6.87
C ARG A 149 18.25 -6.29 8.35
N ARG A 150 17.57 -5.30 8.92
CA ARG A 150 17.75 -4.95 10.34
C ARG A 150 17.49 -6.14 11.27
N ILE A 151 16.44 -6.90 10.96
CA ILE A 151 16.11 -8.10 11.74
C ILE A 151 17.17 -9.18 11.53
N ALA A 152 17.69 -9.27 10.29
CA ALA A 152 18.72 -10.25 9.95
C ALA A 152 20.04 -10.01 10.67
N ARG A 153 20.39 -8.74 10.87
CA ARG A 153 21.66 -8.39 11.54
C ARG A 153 21.55 -8.53 13.06
N GLU A 154 20.45 -8.03 13.63
CA GLU A 154 20.26 -8.01 15.08
C GLU A 154 19.92 -9.37 15.68
N HIS A 155 19.53 -10.33 14.84
CA HIS A 155 19.22 -11.69 15.28
C HIS A 155 19.90 -12.73 14.37
N GLY A 156 19.65 -14.01 14.61
CA GLY A 156 20.34 -15.08 13.88
C GLY A 156 19.81 -15.36 12.48
N GLY A 157 20.04 -14.41 11.57
CA GLY A 157 19.57 -14.53 10.19
C GLY A 157 18.06 -14.38 10.09
N ILE A 158 17.48 -14.93 9.04
CA ILE A 158 16.02 -14.94 8.86
C ILE A 158 15.55 -16.30 8.35
N GLY A 159 14.45 -16.78 8.92
CA GLY A 159 13.86 -18.07 8.54
C GLY A 159 12.82 -17.99 7.44
N LEU A 160 11.96 -16.98 7.52
CA LEU A 160 10.85 -16.83 6.58
C LEU A 160 10.36 -15.38 6.53
N ILE A 161 9.94 -14.94 5.34
CA ILE A 161 9.34 -13.62 5.17
C ILE A 161 7.92 -13.77 4.62
N MET A 162 7.02 -12.93 5.10
CA MET A 162 5.60 -13.03 4.81
C MET A 162 5.05 -11.63 4.50
N ILE A 163 4.44 -11.48 3.33
CA ILE A 163 3.90 -10.20 2.87
C ILE A 163 2.39 -10.30 2.68
N ASP A 164 1.62 -9.65 3.56
CA ASP A 164 0.16 -9.66 3.46
C ASP A 164 -0.27 -8.80 2.26
N TYR A 165 -1.04 -9.42 1.38
CA TYR A 165 -0.96 -9.22 -0.09
C TYR A 165 -0.05 -8.12 -0.67
N LEU A 166 0.58 -8.51 -1.78
CA LEU A 166 1.64 -7.75 -2.45
C LEU A 166 1.16 -6.43 -3.02
N GLN A 167 -0.11 -6.36 -3.40
CA GLN A 167 -0.66 -5.18 -4.07
C GLN A 167 -0.79 -3.97 -3.15
N LEU A 168 -0.74 -4.20 -1.83
CA LEU A 168 -0.70 -3.11 -0.86
C LEU A 168 0.64 -2.39 -0.83
N MET A 169 1.71 -3.06 -1.24
CA MET A 169 3.01 -2.41 -1.39
C MET A 169 2.94 -1.41 -2.54
N ARG A 170 3.92 -0.51 -2.59
CA ARG A 170 3.91 0.56 -3.59
C ARG A 170 5.30 1.14 -3.84
N VAL A 171 5.49 1.71 -5.02
CA VAL A 171 6.73 2.43 -5.37
C VAL A 171 6.38 3.82 -5.90
N PRO A 172 6.56 4.86 -5.08
CA PRO A 172 6.26 6.24 -5.45
C PRO A 172 6.68 6.62 -6.88
N ALA A 173 7.92 6.33 -7.24
CA ALA A 173 8.48 6.68 -8.56
C ALA A 173 7.68 6.12 -9.73
N LEU A 174 7.09 4.93 -9.54
CA LEU A 174 6.34 4.24 -10.60
C LEU A 174 4.83 4.23 -10.36
N SER A 175 4.37 4.95 -9.34
CA SER A 175 2.96 4.90 -8.91
C SER A 175 1.95 5.19 -10.02
N ASP A 176 2.35 6.02 -10.99
CA ASP A 176 1.48 6.36 -12.13
C ASP A 176 1.16 5.15 -13.03
N ASN A 177 2.10 4.22 -13.15
CA ASN A 177 1.94 3.06 -14.03
C ASN A 177 1.89 1.78 -13.22
N ARG A 178 0.68 1.24 -13.04
CA ARG A 178 0.45 0.12 -12.14
C ARG A 178 1.19 -1.16 -12.53
N THR A 179 1.28 -1.43 -13.82
CA THR A 179 1.99 -2.62 -14.30
C THR A 179 3.48 -2.56 -13.99
N LEU A 180 4.08 -1.38 -14.18
CA LEU A 180 5.48 -1.15 -13.80
C LEU A 180 5.68 -1.26 -12.28
N GLU A 181 4.72 -0.70 -11.53
CA GLU A 181 4.77 -0.71 -10.07
C GLU A 181 4.88 -2.14 -9.51
N ILE A 182 4.01 -3.02 -9.98
CA ILE A 182 4.00 -4.41 -9.54
C ILE A 182 5.24 -5.16 -10.02
N ALA A 183 5.71 -4.83 -11.22
CA ALA A 183 6.93 -5.43 -11.76
C ALA A 183 8.14 -5.17 -10.87
N GLU A 184 8.25 -3.95 -10.36
CA GLU A 184 9.35 -3.59 -9.45
C GLU A 184 9.21 -4.23 -8.07
N ILE A 185 7.98 -4.34 -7.58
CA ILE A 185 7.71 -4.97 -6.29
C ILE A 185 8.12 -6.44 -6.33
N SER A 186 7.66 -7.16 -7.35
CA SER A 186 7.99 -8.58 -7.52
C SER A 186 9.50 -8.81 -7.66
N ARG A 187 10.16 -7.96 -8.45
CA ARG A 187 11.60 -8.04 -8.65
C ARG A 187 12.36 -7.82 -7.35
N SER A 188 11.97 -6.80 -6.60
CA SER A 188 12.62 -6.46 -5.34
C SER A 188 12.47 -7.56 -4.29
N LEU A 189 11.30 -8.21 -4.25
CA LEU A 189 11.04 -9.30 -3.31
C LEU A 189 11.88 -10.53 -3.63
N LYS A 190 12.13 -10.77 -4.91
CA LYS A 190 13.01 -11.86 -5.34
C LYS A 190 14.45 -11.54 -4.97
N ALA A 191 14.89 -10.33 -5.29
CA ALA A 191 16.20 -9.84 -4.89
C ALA A 191 16.41 -9.94 -3.38
N LEU A 192 15.36 -9.61 -2.63
CA LEU A 192 15.39 -9.70 -1.17
C LEU A 192 15.53 -11.14 -0.69
N ALA A 193 14.83 -12.06 -1.35
CA ALA A 193 14.93 -13.49 -1.03
C ALA A 193 16.37 -13.99 -1.15
N LYS A 194 17.07 -13.52 -2.18
CA LYS A 194 18.47 -13.91 -2.41
C LYS A 194 19.42 -13.34 -1.37
N GLU A 195 19.40 -12.02 -1.19
CA GLU A 195 20.33 -11.35 -0.27
C GLU A 195 20.36 -12.02 1.11
N LEU A 196 19.20 -12.17 1.72
CA LEU A 196 19.08 -12.80 3.03
C LEU A 196 19.06 -14.32 2.95
N ASN A 197 18.92 -14.85 1.75
CA ASN A 197 18.89 -16.29 1.50
C ASN A 197 17.76 -16.91 2.32
N VAL A 198 16.54 -16.46 2.00
CA VAL A 198 15.34 -16.81 2.77
C VAL A 198 14.15 -16.94 1.82
N PRO A 199 13.23 -17.87 2.11
CA PRO A 199 12.00 -17.89 1.32
C PRO A 199 11.12 -16.70 1.68
N VAL A 200 10.55 -16.06 0.68
CA VAL A 200 9.59 -14.98 0.91
C VAL A 200 8.24 -15.38 0.31
N VAL A 201 7.23 -15.47 1.18
CA VAL A 201 5.87 -15.76 0.76
C VAL A 201 5.15 -14.45 0.56
N ALA A 202 4.84 -14.12 -0.69
CA ALA A 202 4.14 -12.88 -1.03
C ALA A 202 2.76 -13.19 -1.58
N LEU A 203 1.72 -12.74 -0.87
CA LEU A 203 0.35 -13.02 -1.30
C LEU A 203 -0.04 -12.12 -2.45
N SER A 204 -1.05 -12.54 -3.21
CA SER A 204 -1.55 -11.76 -4.33
C SER A 204 -3.03 -12.04 -4.56
N GLN A 205 -3.76 -10.97 -4.91
CA GLN A 205 -5.15 -11.09 -5.29
C GLN A 205 -5.25 -11.63 -6.71
N LEU A 206 -6.46 -12.02 -7.09
CA LEU A 206 -6.76 -12.41 -8.47
C LEU A 206 -8.00 -11.66 -8.90
N ASN A 207 -7.96 -11.10 -10.11
CA ASN A 207 -9.10 -10.35 -10.65
C ASN A 207 -10.27 -11.26 -11.00
N ARG A 208 -11.45 -10.65 -11.13
CA ARG A 208 -12.72 -11.38 -11.31
C ARG A 208 -12.80 -12.17 -12.62
N SER A 209 -12.05 -11.74 -13.63
CA SER A 209 -12.09 -12.34 -14.98
C SER A 209 -12.18 -13.87 -15.01
N LEU A 210 -11.43 -14.53 -14.15
CA LEU A 210 -11.40 -16.00 -14.11
C LEU A 210 -12.75 -16.64 -13.77
N GLU A 211 -13.60 -15.92 -13.04
CA GLU A 211 -14.90 -16.45 -12.61
C GLU A 211 -15.95 -16.55 -13.72
N GLN A 212 -15.63 -16.06 -14.91
CA GLN A 212 -16.48 -16.27 -16.10
C GLN A 212 -16.31 -17.67 -16.70
N ARG A 213 -15.24 -18.37 -16.33
CA ARG A 213 -14.99 -19.74 -16.79
C ARG A 213 -15.90 -20.74 -16.08
N ALA A 214 -15.99 -21.94 -16.65
CA ALA A 214 -16.74 -23.04 -16.02
C ALA A 214 -15.91 -23.62 -14.88
N ASP A 215 -14.71 -24.06 -15.20
CA ASP A 215 -13.76 -24.54 -14.20
C ASP A 215 -13.05 -23.32 -13.61
N LYS A 216 -13.39 -23.00 -12.36
CA LYS A 216 -12.93 -21.75 -11.73
C LYS A 216 -11.67 -21.92 -10.88
N ARG A 217 -10.98 -23.04 -11.04
CA ARG A 217 -9.67 -23.25 -10.40
C ARG A 217 -8.64 -22.35 -11.08
N PRO A 218 -7.93 -21.51 -10.29
CA PRO A 218 -6.97 -20.57 -10.88
C PRO A 218 -5.87 -21.23 -11.69
N VAL A 219 -5.53 -20.63 -12.83
CA VAL A 219 -4.42 -21.06 -13.67
C VAL A 219 -3.35 -19.97 -13.62
N ASN A 220 -2.09 -20.35 -13.83
CA ASN A 220 -0.97 -19.40 -13.82
C ASN A 220 -1.18 -18.18 -14.71
N SER A 221 -1.78 -18.41 -15.88
CA SER A 221 -2.06 -17.36 -16.85
C SER A 221 -2.80 -16.16 -16.24
N ASP A 222 -3.44 -16.36 -15.09
CA ASP A 222 -4.18 -15.31 -14.40
C ASP A 222 -3.31 -14.32 -13.60
N LEU A 223 -1.99 -14.40 -13.76
CA LEU A 223 -1.05 -13.46 -13.11
C LEU A 223 -0.39 -12.47 -14.06
N ARG A 224 -0.48 -12.72 -15.37
CA ARG A 224 0.06 -11.79 -16.36
C ARG A 224 -0.80 -10.53 -16.43
N GLU A 225 -2.08 -10.66 -16.09
CA GLU A 225 -2.99 -9.52 -16.00
C GLU A 225 -2.68 -8.66 -14.78
N SER A 226 -2.16 -9.30 -13.72
CA SER A 226 -1.70 -8.60 -12.53
C SER A 226 -0.38 -7.89 -12.80
N GLY A 227 0.56 -8.60 -13.42
CA GLY A 227 1.85 -8.01 -13.80
C GLY A 227 2.94 -9.03 -14.07
N SER A 228 4.18 -8.65 -13.77
CA SER A 228 5.35 -9.50 -14.00
C SER A 228 5.68 -10.39 -12.79
N ILE A 229 4.64 -10.84 -12.09
CA ILE A 229 4.81 -11.66 -10.89
C ILE A 229 5.18 -13.08 -11.28
N GLU A 230 4.50 -13.63 -12.28
CA GLU A 230 4.72 -15.01 -12.73
C GLU A 230 6.16 -15.28 -13.14
N GLN A 231 6.79 -14.31 -13.81
CA GLN A 231 8.18 -14.45 -14.25
C GLN A 231 9.16 -14.53 -13.08
N ASP A 232 9.02 -13.63 -12.13
CA ASP A 232 9.92 -13.55 -10.97
C ASP A 232 9.72 -14.69 -9.96
N ALA A 233 8.50 -15.21 -9.90
CA ALA A 233 8.14 -16.23 -8.91
C ALA A 233 8.80 -17.58 -9.19
N ASP A 234 9.28 -18.23 -8.14
CA ASP A 234 9.87 -19.57 -8.23
C ASP A 234 8.89 -20.67 -7.82
N LEU A 235 7.89 -20.32 -7.03
CA LEU A 235 6.87 -21.27 -6.56
C LEU A 235 5.52 -20.55 -6.45
N ILE A 236 4.51 -21.08 -7.13
CA ILE A 236 3.19 -20.44 -7.19
C ILE A 236 2.11 -21.41 -6.70
N MET A 237 1.40 -21.01 -5.65
CA MET A 237 0.36 -21.84 -5.05
C MET A 237 -0.98 -21.10 -5.06
N PHE A 238 -1.99 -21.77 -5.59
CA PHE A 238 -3.36 -21.24 -5.60
C PHE A 238 -4.23 -22.01 -4.61
N ILE A 239 -5.10 -21.30 -3.91
CA ILE A 239 -6.05 -21.92 -2.99
C ILE A 239 -7.43 -21.93 -3.63
N TYR A 240 -8.08 -23.09 -3.59
CA TYR A 240 -9.40 -23.27 -4.18
C TYR A 240 -10.30 -24.07 -3.24
N ARG A 241 -11.49 -23.53 -2.99
CA ARG A 241 -12.51 -24.22 -2.21
C ARG A 241 -13.79 -24.31 -3.04
N ASP A 242 -14.12 -25.53 -3.48
CA ASP A 242 -15.31 -25.78 -4.30
C ASP A 242 -16.59 -25.30 -3.59
N GLU A 243 -16.60 -25.41 -2.26
CA GLU A 243 -17.76 -25.05 -1.43
C GLU A 243 -18.31 -23.64 -1.68
N VAL A 244 -17.43 -22.68 -1.93
CA VAL A 244 -17.85 -21.28 -2.11
C VAL A 244 -18.53 -21.04 -3.46
N TYR A 245 -18.08 -21.76 -4.49
CA TYR A 245 -18.63 -21.60 -5.84
C TYR A 245 -19.88 -22.43 -6.08
N HIS A 246 -19.92 -23.62 -5.48
CA HIS A 246 -21.02 -24.57 -5.67
C HIS A 246 -21.73 -24.87 -4.35
N GLU A 247 -23.05 -24.70 -4.36
CA GLU A 247 -23.88 -24.89 -3.15
C GLU A 247 -23.64 -26.26 -2.51
N ASN A 248 -23.77 -27.31 -3.31
CA ASN A 248 -23.51 -28.68 -2.87
C ASN A 248 -22.48 -29.37 -3.75
N SER A 249 -21.47 -29.97 -3.13
CA SER A 249 -20.38 -30.64 -3.84
C SER A 249 -19.98 -31.96 -3.18
N ASP A 250 -19.35 -32.84 -3.95
CA ASP A 250 -18.83 -34.12 -3.43
C ASP A 250 -17.99 -33.89 -2.18
N LEU A 251 -17.10 -32.90 -2.27
CA LEU A 251 -16.30 -32.46 -1.13
C LEU A 251 -16.87 -31.14 -0.61
N LYS A 252 -17.03 -31.05 0.71
CA LYS A 252 -17.69 -29.89 1.33
C LYS A 252 -16.71 -29.06 2.17
N GLY A 253 -16.05 -29.72 3.13
CA GLY A 253 -15.07 -29.03 3.99
C GLY A 253 -13.63 -29.08 3.47
N ILE A 254 -13.48 -29.45 2.21
CA ILE A 254 -12.15 -29.69 1.62
C ILE A 254 -11.69 -28.47 0.84
N ALA A 255 -10.41 -28.14 1.01
CA ALA A 255 -9.74 -27.14 0.19
C ALA A 255 -8.61 -27.82 -0.56
N GLU A 256 -8.00 -27.12 -1.51
CA GLU A 256 -6.92 -27.71 -2.29
C GLU A 256 -5.90 -26.67 -2.77
N ILE A 257 -4.64 -26.93 -2.45
CA ILE A 257 -3.54 -26.06 -2.84
C ILE A 257 -3.01 -26.52 -4.19
N ILE A 258 -3.22 -25.70 -5.21
CA ILE A 258 -2.79 -26.01 -6.57
C ILE A 258 -1.46 -25.33 -6.85
N ILE A 259 -0.41 -26.14 -6.98
CA ILE A 259 0.90 -25.63 -7.37
C ILE A 259 0.86 -25.39 -8.88
N GLY A 260 0.86 -24.12 -9.27
CA GLY A 260 0.83 -23.76 -10.69
C GLY A 260 2.20 -23.86 -11.34
N LYS A 261 3.22 -23.47 -10.59
CA LYS A 261 4.60 -23.48 -11.07
C LYS A 261 5.54 -23.82 -9.92
N GLN A 262 6.54 -24.66 -10.21
CA GLN A 262 7.64 -24.86 -9.27
C GLN A 262 8.95 -25.14 -10.00
N ARG A 263 9.91 -24.26 -9.82
CA ARG A 263 11.28 -24.43 -10.30
C ARG A 263 11.88 -25.71 -9.72
N ASN A 264 11.77 -25.84 -8.41
CA ASN A 264 12.39 -26.94 -7.66
C ASN A 264 12.02 -28.34 -8.14
N GLY A 265 10.73 -28.56 -8.42
CA GLY A 265 10.23 -29.88 -8.74
C GLY A 265 8.87 -29.94 -9.43
N PRO A 266 8.00 -30.86 -9.00
CA PRO A 266 6.79 -31.19 -9.75
C PRO A 266 5.60 -30.26 -9.52
N ILE A 267 4.77 -30.14 -10.55
CA ILE A 267 3.49 -29.43 -10.48
C ILE A 267 2.44 -30.41 -9.98
N GLY A 268 1.41 -29.90 -9.32
CA GLY A 268 0.30 -30.73 -8.86
C GLY A 268 -0.60 -30.07 -7.83
N THR A 269 -1.68 -30.76 -7.48
CA THR A 269 -2.62 -30.31 -6.46
C THR A 269 -2.43 -31.09 -5.16
N VAL A 270 -2.57 -30.40 -4.03
CA VAL A 270 -2.50 -31.01 -2.71
C VAL A 270 -3.77 -30.65 -1.96
N ARG A 271 -4.53 -31.66 -1.55
CA ARG A 271 -5.81 -31.46 -0.87
C ARG A 271 -5.64 -31.37 0.64
N LEU A 272 -6.23 -30.33 1.23
CA LEU A 272 -6.20 -30.09 2.68
C LEU A 272 -7.61 -29.94 3.22
N THR A 273 -7.75 -30.14 4.54
CA THR A 273 -8.99 -29.84 5.25
C THR A 273 -8.94 -28.38 5.70
N PHE A 274 -10.09 -27.72 5.70
CA PHE A 274 -10.17 -26.31 6.10
C PHE A 274 -11.23 -26.07 7.17
N ASN A 275 -10.89 -25.24 8.16
CA ASN A 275 -11.79 -24.86 9.24
C ASN A 275 -12.00 -23.35 9.26
N GLY A 276 -13.22 -22.91 8.95
CA GLY A 276 -13.57 -21.49 9.00
C GLY A 276 -13.69 -20.94 10.41
N GLN A 277 -13.98 -21.81 11.37
CA GLN A 277 -14.25 -21.40 12.75
C GLN A 277 -13.01 -20.83 13.43
N TRP A 278 -11.91 -21.58 13.38
CA TRP A 278 -10.63 -21.14 13.96
C TRP A 278 -9.57 -20.79 12.91
N SER A 279 -9.98 -20.74 11.65
CA SER A 279 -9.11 -20.29 10.54
C SER A 279 -7.78 -21.04 10.52
N ARG A 280 -7.84 -22.32 10.21
CA ARG A 280 -6.64 -23.15 10.08
C ARG A 280 -6.85 -24.29 9.11
N PHE A 281 -5.78 -24.66 8.42
CA PHE A 281 -5.78 -25.80 7.50
C PHE A 281 -5.20 -27.03 8.20
N ASP A 282 -5.68 -28.21 7.78
CA ASP A 282 -5.18 -29.49 8.28
C ASP A 282 -4.88 -30.44 7.13
N ASN A 283 -4.04 -31.44 7.41
CA ASN A 283 -3.75 -32.50 6.44
C ASN A 283 -5.00 -33.35 6.15
N TYR A 284 -5.11 -33.83 4.92
CA TYR A 284 -6.23 -34.69 4.53
C TYR A 284 -5.92 -36.14 4.89
N ALA A 285 -6.91 -36.81 5.48
CA ALA A 285 -6.76 -38.20 5.94
C ALA A 285 -7.35 -39.19 4.93
N GLY A 286 -7.06 -38.97 3.65
CA GLY A 286 -7.46 -39.87 2.58
C GLY A 286 -6.85 -41.26 2.66
N PRO A 287 -5.53 -41.35 2.98
CA PRO A 287 -4.83 -42.63 3.00
C PRO A 287 -5.54 -43.77 3.75
N GLN A 288 -6.07 -43.48 4.93
CA GLN A 288 -6.73 -44.51 5.75
C GLN A 288 -8.17 -44.12 6.12
N TYR A 289 -9.13 -44.71 5.43
CA TYR A 289 -10.55 -44.58 5.77
C TYR A 289 -10.93 -45.66 6.78
N ASP A 290 -10.70 -46.92 6.40
CA ASP A 290 -10.95 -48.09 7.26
C ASP A 290 -12.37 -48.11 7.85
N ASP A 291 -13.36 -47.93 6.98
CA ASP A 291 -14.78 -47.90 7.35
C ASP A 291 -15.08 -46.68 8.23
N LYS B 1 -43.79 27.34 -3.34
CA LYS B 1 -43.02 28.60 -3.52
C LYS B 1 -43.34 29.30 -4.83
N ASN B 2 -43.90 30.51 -4.73
CA ASN B 2 -44.23 31.31 -5.91
C ASN B 2 -42.98 31.94 -6.55
N ILE B 3 -43.17 32.56 -7.71
CA ILE B 3 -42.05 33.15 -8.47
C ILE B 3 -41.27 34.20 -7.67
N ALA B 4 -41.98 35.02 -6.90
CA ALA B 4 -41.35 36.09 -6.12
C ALA B 4 -40.39 35.53 -5.07
N ASP B 5 -40.88 34.57 -4.29
CA ASP B 5 -40.07 33.94 -3.24
C ASP B 5 -38.88 33.17 -3.81
N VAL B 6 -39.09 32.50 -4.94
CA VAL B 6 -38.02 31.76 -5.60
C VAL B 6 -36.95 32.71 -6.13
N LEU B 7 -37.38 33.77 -6.81
CA LEU B 7 -36.45 34.78 -7.34
C LEU B 7 -35.72 35.53 -6.22
N ASP B 8 -36.39 35.70 -5.08
CA ASP B 8 -35.76 36.29 -3.89
C ASP B 8 -34.55 35.47 -3.47
N ALA B 9 -34.66 34.15 -3.55
CA ALA B 9 -33.57 33.23 -3.19
C ALA B 9 -32.43 33.21 -4.21
N THR B 10 -32.76 33.42 -5.48
CA THR B 10 -31.77 33.38 -6.56
C THR B 10 -30.86 34.61 -6.56
N VAL B 11 -31.45 35.78 -6.34
CA VAL B 11 -30.67 37.03 -6.27
C VAL B 11 -29.72 37.03 -5.06
N ALA B 12 -30.10 36.33 -4.00
CA ALA B 12 -29.25 36.16 -2.83
C ALA B 12 -27.97 35.41 -3.18
N ARG B 13 -28.10 34.34 -3.97
CA ARG B 13 -26.95 33.55 -4.39
C ARG B 13 -26.07 34.28 -5.42
N ILE B 14 -26.65 35.25 -6.11
CA ILE B 14 -25.88 36.18 -6.95
C ILE B 14 -25.15 37.19 -6.07
N GLU B 15 -25.87 37.76 -5.10
CA GLU B 15 -25.30 38.71 -4.15
C GLU B 15 -24.07 38.16 -3.42
N GLN B 16 -24.15 36.90 -3.00
CA GLN B 16 -23.04 36.24 -2.29
C GLN B 16 -21.81 36.03 -3.17
N LEU B 17 -22.03 35.85 -4.47
CA LEU B 17 -20.92 35.68 -5.43
C LEU B 17 -20.02 36.92 -5.51
N PHE B 18 -20.60 38.10 -5.29
CA PHE B 18 -19.84 39.36 -5.31
C PHE B 18 -19.91 40.13 -3.99
N GLN B 19 -20.32 39.45 -2.91
CA GLN B 19 -20.44 40.10 -1.59
C GLN B 19 -19.05 40.41 -1.04
N GLN B 20 -18.21 39.38 -0.93
CA GLN B 20 -16.83 39.54 -0.49
C GLN B 20 -16.01 40.03 -1.68
N PRO B 21 -15.16 41.06 -1.47
CA PRO B 21 -14.33 41.55 -2.57
C PRO B 21 -13.20 40.56 -2.89
N HIS B 22 -13.38 39.79 -3.97
CA HIS B 22 -12.40 38.80 -4.40
C HIS B 22 -11.45 39.41 -5.44
N ASP B 23 -10.68 40.39 -4.97
CA ASP B 23 -9.73 41.12 -5.81
C ASP B 23 -8.30 40.69 -5.51
N GLY B 24 -7.92 39.52 -6.05
CA GLY B 24 -6.59 38.97 -5.85
C GLY B 24 -6.54 37.94 -4.73
N VAL B 25 -5.33 37.66 -4.26
CA VAL B 25 -5.10 36.62 -3.25
C VAL B 25 -3.89 37.02 -2.38
N THR B 26 -4.00 36.79 -1.08
CA THR B 26 -3.01 37.30 -0.11
C THR B 26 -1.69 36.53 -0.15
N GLY B 27 -1.77 35.21 -0.02
CA GLY B 27 -0.59 34.36 0.08
C GLY B 27 -0.08 33.90 -1.28
N VAL B 28 0.78 32.89 -1.26
CA VAL B 28 1.29 32.27 -2.49
C VAL B 28 0.16 31.57 -3.20
N ASN B 29 0.01 31.83 -4.49
CA ASN B 29 -1.09 31.27 -5.27
C ASN B 29 -0.96 29.76 -5.40
N THR B 30 -2.01 29.05 -5.00
CA THR B 30 -2.05 27.60 -5.05
C THR B 30 -2.22 27.08 -6.48
N GLY B 31 -2.82 27.90 -7.33
CA GLY B 31 -3.17 27.50 -8.70
C GLY B 31 -4.47 26.71 -8.77
N TYR B 32 -5.29 26.85 -7.74
CA TYR B 32 -6.59 26.18 -7.65
C TYR B 32 -7.61 27.15 -7.09
N ASP B 33 -8.60 27.51 -7.91
CA ASP B 33 -9.55 28.59 -7.60
C ASP B 33 -10.27 28.37 -6.27
N ASP B 34 -10.90 27.21 -6.12
CA ASP B 34 -11.67 26.91 -4.90
C ASP B 34 -10.79 26.92 -3.66
N LEU B 35 -9.54 26.49 -3.82
CA LEU B 35 -8.57 26.49 -2.71
C LEU B 35 -8.10 27.92 -2.40
N ASN B 36 -7.89 28.72 -3.44
CA ASN B 36 -7.56 30.14 -3.27
C ASN B 36 -8.68 30.91 -2.57
N LYS B 37 -9.93 30.59 -2.91
CA LYS B 37 -11.10 31.19 -2.26
C LYS B 37 -11.13 30.88 -0.77
N LYS B 38 -10.77 29.65 -0.41
CA LYS B 38 -10.90 29.17 0.96
C LYS B 38 -9.70 29.56 1.83
N THR B 39 -8.50 29.55 1.25
CA THR B 39 -7.27 29.80 2.01
C THR B 39 -6.65 31.18 1.79
N ALA B 40 -7.10 31.90 0.77
CA ALA B 40 -6.50 33.17 0.37
C ALA B 40 -5.00 33.04 0.10
N GLY B 41 -4.62 31.90 -0.50
CA GLY B 41 -3.21 31.60 -0.78
C GLY B 41 -2.48 31.05 0.43
N LEU B 42 -1.31 30.45 0.17
CA LEU B 42 -0.48 29.92 1.25
C LEU B 42 0.25 31.09 1.93
N GLN B 43 -0.12 31.34 3.19
CA GLN B 43 0.36 32.53 3.90
C GLN B 43 1.82 32.40 4.37
N PRO B 44 2.58 33.50 4.26
CA PRO B 44 3.92 33.56 4.87
C PRO B 44 3.91 33.31 6.37
N SER B 45 4.94 32.62 6.86
CA SER B 45 5.07 32.27 8.27
C SER B 45 3.97 31.32 8.76
N ASP B 46 3.49 30.45 7.87
CA ASP B 46 2.50 29.44 8.24
C ASP B 46 3.03 28.03 8.01
N LEU B 47 2.94 27.19 9.04
CA LEU B 47 3.21 25.76 8.89
C LEU B 47 1.97 25.11 8.29
N ILE B 48 2.15 24.50 7.13
CA ILE B 48 1.05 23.91 6.38
C ILE B 48 1.23 22.40 6.29
N ILE B 49 0.25 21.65 6.76
CA ILE B 49 0.33 20.19 6.81
C ILE B 49 -0.59 19.55 5.77
N VAL B 50 0.02 18.91 4.77
CA VAL B 50 -0.71 18.07 3.84
C VAL B 50 -0.58 16.63 4.32
N ALA B 51 -1.69 16.08 4.81
CA ALA B 51 -1.68 14.72 5.39
C ALA B 51 -2.65 13.78 4.68
N ALA B 52 -2.21 12.55 4.45
CA ALA B 52 -3.05 11.54 3.80
C ALA B 52 -2.52 10.11 3.97
N ARG B 53 -3.39 9.15 3.67
CA ARG B 53 -3.04 7.73 3.65
C ARG B 53 -2.28 7.42 2.35
N PRO B 54 -1.49 6.33 2.33
CA PRO B 54 -0.51 6.03 1.29
C PRO B 54 -0.87 6.37 -0.18
N SER B 55 -1.91 5.73 -0.73
CA SER B 55 -2.19 5.83 -2.17
C SER B 55 -2.98 7.08 -2.59
N MET B 56 -3.23 7.98 -1.66
CA MET B 56 -4.09 9.15 -1.91
C MET B 56 -3.46 10.21 -2.82
N GLY B 57 -2.13 10.25 -2.87
CA GLY B 57 -1.41 11.19 -3.74
C GLY B 57 -1.14 12.53 -3.10
N LYS B 58 -0.84 12.52 -1.80
CA LYS B 58 -0.49 13.74 -1.07
C LYS B 58 0.81 14.34 -1.58
N THR B 59 1.76 13.48 -1.92
CA THR B 59 3.04 13.91 -2.48
C THR B 59 2.85 14.58 -3.84
N THR B 60 1.89 14.09 -4.62
CA THR B 60 1.57 14.67 -5.92
C THR B 60 0.87 16.01 -5.78
N PHE B 61 -0.14 16.06 -4.90
CA PHE B 61 -0.86 17.30 -4.61
C PHE B 61 0.11 18.38 -4.13
N ALA B 62 0.98 18.01 -3.19
CA ALA B 62 2.00 18.92 -2.69
C ALA B 62 2.91 19.40 -3.82
N MET B 63 3.23 18.49 -4.73
CA MET B 63 4.08 18.80 -5.87
C MET B 63 3.36 19.69 -6.88
N ASN B 64 2.03 19.56 -6.98
CA ASN B 64 1.24 20.47 -7.81
C ASN B 64 1.26 21.89 -7.28
N LEU B 65 1.18 22.05 -5.96
CA LEU B 65 1.21 23.37 -5.33
C LEU B 65 2.52 24.10 -5.62
N VAL B 66 3.63 23.38 -5.50
CA VAL B 66 4.95 23.96 -5.76
C VAL B 66 5.19 24.20 -7.25
N GLU B 67 4.64 23.31 -8.10
CA GLU B 67 4.66 23.51 -9.55
C GLU B 67 3.96 24.80 -9.94
N ASN B 68 2.80 25.04 -9.33
CA ASN B 68 2.01 26.23 -9.60
C ASN B 68 2.66 27.49 -9.02
N ALA B 69 3.18 27.37 -7.80
CA ALA B 69 3.91 28.46 -7.15
C ALA B 69 5.12 28.90 -7.98
N ALA B 70 5.75 27.95 -8.67
CA ALA B 70 6.89 28.25 -9.54
C ALA B 70 6.48 29.12 -10.74
N MET B 71 5.33 28.80 -11.33
CA MET B 71 4.86 29.47 -12.55
C MET B 71 4.25 30.85 -12.29
N LEU B 72 3.52 30.98 -11.19
CA LEU B 72 2.72 32.18 -10.93
C LEU B 72 3.47 33.33 -10.22
N GLN B 73 4.68 33.05 -9.75
CA GLN B 73 5.50 34.07 -9.10
C GLN B 73 6.99 33.75 -9.22
N ASP B 74 7.82 34.74 -8.90
CA ASP B 74 9.25 34.73 -9.27
C ASP B 74 10.22 34.25 -8.19
N LYS B 75 9.80 34.30 -6.92
CA LYS B 75 10.68 33.91 -5.81
C LYS B 75 10.94 32.40 -5.77
N PRO B 76 12.14 31.99 -5.31
CA PRO B 76 12.54 30.59 -5.39
C PRO B 76 11.78 29.66 -4.46
N VAL B 77 11.42 28.48 -4.96
CA VAL B 77 10.74 27.45 -4.17
C VAL B 77 11.69 26.29 -3.91
N LEU B 78 11.65 25.77 -2.68
CA LEU B 78 12.58 24.74 -2.23
C LEU B 78 11.86 23.44 -1.90
N ILE B 79 12.32 22.35 -2.51
CA ILE B 79 11.68 21.03 -2.34
C ILE B 79 12.67 20.04 -1.71
N PHE B 80 12.38 19.63 -0.48
CA PHE B 80 13.17 18.59 0.18
C PHE B 80 12.52 17.23 -0.07
N SER B 81 13.15 16.42 -0.91
CA SER B 81 12.65 15.09 -1.23
C SER B 81 13.45 14.01 -0.54
N LEU B 82 12.93 13.55 0.60
CA LEU B 82 13.57 12.48 1.36
C LEU B 82 13.24 11.10 0.77
N GLU B 83 12.12 11.01 0.05
CA GLU B 83 11.67 9.76 -0.57
C GLU B 83 12.33 9.50 -1.93
N MET B 84 12.00 10.34 -2.89
CA MET B 84 12.35 10.10 -4.30
C MET B 84 13.59 10.90 -4.73
N PRO B 85 14.36 10.37 -5.71
CA PRO B 85 15.49 11.12 -6.24
C PRO B 85 15.06 12.38 -7.00
N SER B 86 15.96 13.36 -7.07
CA SER B 86 15.68 14.65 -7.71
C SER B 86 15.17 14.48 -9.14
N GLU B 87 15.93 13.76 -9.95
CA GLU B 87 15.58 13.55 -11.36
C GLU B 87 14.26 12.78 -11.52
N GLN B 88 13.99 11.89 -10.59
CA GLN B 88 12.76 11.09 -10.61
C GLN B 88 11.54 11.95 -10.30
N ILE B 89 11.72 12.93 -9.43
CA ILE B 89 10.68 13.92 -9.13
C ILE B 89 10.49 14.87 -10.31
N MET B 90 11.60 15.38 -10.85
CA MET B 90 11.54 16.37 -11.91
C MET B 90 10.90 15.83 -13.19
N MET B 91 11.11 14.55 -13.47
CA MET B 91 10.50 13.90 -14.62
C MET B 91 8.98 13.91 -14.49
N ARG B 92 8.48 13.69 -13.28
CA ARG B 92 7.04 13.71 -13.02
C ARG B 92 6.47 15.13 -13.13
N SER B 93 7.25 16.13 -12.72
CA SER B 93 6.85 17.53 -12.87
C SER B 93 6.74 17.94 -14.34
N LEU B 94 7.61 17.41 -15.18
CA LEU B 94 7.51 17.62 -16.63
C LEU B 94 6.18 17.07 -17.14
N ALA B 95 5.88 15.83 -16.78
CA ALA B 95 4.63 15.19 -17.16
C ALA B 95 3.42 15.98 -16.67
N SER B 96 3.46 16.39 -15.41
CA SER B 96 2.38 17.15 -14.78
C SER B 96 2.12 18.48 -15.49
N LEU B 97 3.16 19.29 -15.60
CA LEU B 97 3.05 20.61 -16.23
C LEU B 97 2.63 20.50 -17.70
N SER B 98 3.29 19.62 -18.43
CA SER B 98 3.02 19.45 -19.87
C SER B 98 1.83 18.53 -20.20
N ARG B 99 1.20 17.94 -19.17
CA ARG B 99 0.04 17.06 -19.36
C ARG B 99 0.31 15.91 -20.34
N VAL B 100 1.49 15.31 -20.18
CA VAL B 100 1.89 14.17 -21.00
C VAL B 100 2.05 12.97 -20.08
N ASP B 101 1.45 11.84 -20.46
CA ASP B 101 1.59 10.59 -19.72
C ASP B 101 3.05 10.37 -19.33
N GLN B 102 3.30 10.14 -18.05
CA GLN B 102 4.66 9.99 -17.53
C GLN B 102 5.38 8.79 -18.13
N THR B 103 4.63 7.72 -18.38
CA THR B 103 5.16 6.53 -19.05
C THR B 103 5.82 6.91 -20.38
N LYS B 104 5.13 7.74 -21.17
CA LYS B 104 5.62 8.15 -22.49
C LYS B 104 6.98 8.87 -22.42
N ILE B 105 7.22 9.59 -21.33
CA ILE B 105 8.53 10.23 -21.11
C ILE B 105 9.57 9.18 -20.72
N ARG B 106 9.16 8.24 -19.86
CA ARG B 106 10.02 7.12 -19.46
C ARG B 106 10.31 6.19 -20.65
N THR B 107 9.32 6.04 -21.53
CA THR B 107 9.46 5.22 -22.74
C THR B 107 10.21 5.97 -23.83
N GLY B 108 9.99 7.28 -23.92
CA GLY B 108 10.56 8.10 -24.99
C GLY B 108 9.66 8.13 -26.22
N GLN B 109 8.47 7.55 -26.11
CA GLN B 109 7.51 7.48 -27.20
C GLN B 109 6.56 8.67 -27.11
N LEU B 110 7.02 9.81 -27.59
CA LEU B 110 6.30 11.07 -27.46
C LEU B 110 5.81 11.59 -28.81
N ASP B 111 4.54 11.97 -28.86
CA ASP B 111 3.95 12.57 -30.06
C ASP B 111 4.54 13.95 -30.32
N ASP B 112 4.27 14.49 -31.51
CA ASP B 112 4.72 15.83 -31.88
C ASP B 112 4.11 16.88 -30.94
N GLU B 113 2.84 16.70 -30.61
CA GLU B 113 2.17 17.54 -29.62
C GLU B 113 2.80 17.41 -28.23
N ASP B 114 3.09 16.17 -27.83
CA ASP B 114 3.71 15.90 -26.53
C ASP B 114 5.10 16.51 -26.43
N TRP B 115 5.92 16.30 -27.47
CA TRP B 115 7.24 16.92 -27.55
C TRP B 115 7.17 18.44 -27.39
N ALA B 116 6.22 19.06 -28.10
CA ALA B 116 6.05 20.51 -28.07
C ALA B 116 5.79 21.03 -26.65
N ARG B 117 4.88 20.38 -25.94
CA ARG B 117 4.52 20.81 -24.59
C ARG B 117 5.71 20.71 -23.63
N ILE B 118 6.48 19.63 -23.75
CA ILE B 118 7.66 19.40 -22.91
C ILE B 118 8.74 20.45 -23.19
N SER B 119 8.93 20.80 -24.47
CA SER B 119 9.89 21.82 -24.87
C SER B 119 9.58 23.15 -24.15
N GLY B 120 8.32 23.56 -24.21
CA GLY B 120 7.86 24.78 -23.55
C GLY B 120 7.98 24.71 -22.03
N THR B 121 7.69 23.56 -21.47
CA THR B 121 7.78 23.36 -20.02
C THR B 121 9.21 23.58 -19.54
N MET B 122 10.15 22.86 -20.15
CA MET B 122 11.57 23.02 -19.82
C MET B 122 12.04 24.46 -19.99
N GLY B 123 11.57 25.11 -21.06
CA GLY B 123 11.95 26.48 -21.36
C GLY B 123 11.58 27.45 -20.26
N ILE B 124 10.35 27.34 -19.78
CA ILE B 124 9.86 28.20 -18.71
C ILE B 124 10.62 27.96 -17.42
N LEU B 125 10.89 26.70 -17.11
CA LEU B 125 11.67 26.32 -15.91
C LEU B 125 13.10 26.84 -15.98
N LEU B 126 13.73 26.71 -17.15
CA LEU B 126 15.09 27.19 -17.36
C LEU B 126 15.16 28.72 -17.39
N GLU B 127 14.07 29.36 -17.79
CA GLU B 127 13.98 30.82 -17.75
C GLU B 127 13.87 31.32 -16.30
N LYS B 128 12.92 30.76 -15.57
CA LYS B 128 12.61 31.21 -14.20
C LYS B 128 13.74 30.92 -13.21
N ARG B 129 14.28 29.70 -13.26
CA ARG B 129 15.37 29.27 -12.38
C ARG B 129 15.00 29.38 -10.91
N ASN B 130 13.77 28.98 -10.58
CA ASN B 130 13.22 29.17 -9.23
C ASN B 130 12.93 27.88 -8.44
N ILE B 131 13.02 26.72 -9.10
CA ILE B 131 12.83 25.44 -8.42
C ILE B 131 14.19 24.90 -7.96
N TYR B 132 14.25 24.51 -6.69
CA TYR B 132 15.47 23.94 -6.10
C TYR B 132 15.10 22.66 -5.34
N ILE B 133 15.69 21.53 -5.76
CA ILE B 133 15.39 20.23 -5.17
C ILE B 133 16.60 19.69 -4.42
N ASP B 134 16.35 19.10 -3.26
CA ASP B 134 17.38 18.44 -2.47
C ASP B 134 16.93 17.01 -2.11
N ASP B 135 17.58 16.02 -2.73
CA ASP B 135 17.20 14.61 -2.55
C ASP B 135 18.01 13.89 -1.46
N SER B 136 18.71 14.66 -0.63
CA SER B 136 19.40 14.10 0.54
C SER B 136 18.37 13.46 1.47
N SER B 137 18.64 12.24 1.91
CA SER B 137 17.71 11.49 2.76
C SER B 137 18.06 11.63 4.24
N GLY B 138 17.03 11.60 5.08
CA GLY B 138 17.21 11.62 6.55
C GLY B 138 17.83 12.88 7.09
N LEU B 139 17.34 14.03 6.62
CA LEU B 139 17.86 15.33 7.04
C LEU B 139 17.38 15.73 8.43
N THR B 140 18.18 16.55 9.09
CA THR B 140 17.83 17.10 10.40
C THR B 140 17.25 18.51 10.22
N PRO B 141 16.46 18.97 11.20
CA PRO B 141 15.92 20.34 11.16
C PRO B 141 16.98 21.41 10.94
N THR B 142 18.12 21.27 11.60
CA THR B 142 19.22 22.23 11.46
C THR B 142 19.83 22.22 10.05
N GLU B 143 19.94 21.04 9.45
CA GLU B 143 20.41 20.92 8.07
C GLU B 143 19.39 21.51 7.09
N VAL B 144 18.11 21.22 7.32
CA VAL B 144 17.04 21.82 6.54
C VAL B 144 17.07 23.35 6.66
N ARG B 145 17.24 23.84 7.88
CA ARG B 145 17.31 25.27 8.15
C ARG B 145 18.45 25.95 7.39
N SER B 146 19.66 25.43 7.58
CA SER B 146 20.86 26.04 6.97
C SER B 146 20.77 26.08 5.44
N ARG B 147 20.26 25.00 4.84
CA ARG B 147 20.08 24.91 3.39
C ARG B 147 18.98 25.83 2.88
N ALA B 148 17.95 26.02 3.70
CA ALA B 148 16.88 26.99 3.39
C ALA B 148 17.42 28.41 3.46
N ARG B 149 18.18 28.69 4.53
CA ARG B 149 18.82 30.00 4.70
C ARG B 149 19.89 30.26 3.63
N ARG B 150 20.54 29.19 3.18
CA ARG B 150 21.53 29.29 2.10
C ARG B 150 20.90 29.93 0.87
N ILE B 151 19.80 29.36 0.39
CA ILE B 151 19.14 29.87 -0.82
C ILE B 151 18.42 31.19 -0.57
N ALA B 152 17.99 31.42 0.67
CA ALA B 152 17.33 32.66 1.05
C ALA B 152 18.24 33.87 0.87
N ARG B 153 19.51 33.72 1.22
CA ARG B 153 20.48 34.83 1.12
C ARG B 153 21.05 34.97 -0.30
N GLU B 154 21.35 33.84 -0.95
CA GLU B 154 21.97 33.85 -2.28
C GLU B 154 21.01 34.22 -3.40
N HIS B 155 19.71 34.11 -3.15
CA HIS B 155 18.68 34.48 -4.12
C HIS B 155 17.70 35.47 -3.49
N GLY B 156 16.77 35.98 -4.30
CA GLY B 156 15.82 36.99 -3.85
C GLY B 156 14.79 36.44 -2.88
N GLY B 157 15.20 36.25 -1.64
CA GLY B 157 14.32 35.69 -0.60
C GLY B 157 13.97 34.24 -0.84
N ILE B 158 12.76 33.85 -0.46
CA ILE B 158 12.27 32.48 -0.67
C ILE B 158 10.74 32.47 -0.72
N GLY B 159 10.21 31.77 -1.72
CA GLY B 159 8.78 31.77 -2.01
C GLY B 159 7.97 30.69 -1.31
N LEU B 160 8.51 29.47 -1.30
CA LEU B 160 7.79 28.32 -0.76
C LEU B 160 8.74 27.18 -0.42
N ILE B 161 8.46 26.49 0.69
CA ILE B 161 9.25 25.33 1.10
C ILE B 161 8.35 24.11 1.16
N MET B 162 8.87 22.96 0.71
CA MET B 162 8.11 21.72 0.69
C MET B 162 8.99 20.56 1.20
N ILE B 163 8.45 19.82 2.16
CA ILE B 163 9.14 18.67 2.75
C ILE B 163 8.39 17.39 2.36
N ASP B 164 8.97 16.60 1.47
CA ASP B 164 8.34 15.35 1.05
C ASP B 164 8.43 14.32 2.16
N TYR B 165 7.29 14.05 2.78
CA TYR B 165 7.16 13.06 3.85
C TYR B 165 8.01 13.47 5.07
N LEU B 166 7.36 14.17 6.01
CA LEU B 166 7.98 14.72 7.22
C LEU B 166 8.60 13.68 8.14
N GLN B 167 7.98 12.51 8.20
CA GLN B 167 8.40 11.43 9.11
C GLN B 167 9.82 10.92 8.83
N LEU B 168 10.29 11.09 7.60
CA LEU B 168 11.66 10.70 7.24
C LEU B 168 12.74 11.58 7.86
N MET B 169 12.39 12.80 8.25
CA MET B 169 13.32 13.68 8.96
C MET B 169 13.66 13.08 10.32
N ARG B 170 14.85 13.42 10.84
CA ARG B 170 15.34 12.81 12.06
C ARG B 170 16.18 13.77 12.91
N VAL B 171 16.13 13.56 14.21
CA VAL B 171 16.93 14.32 15.18
C VAL B 171 17.71 13.30 16.02
N PRO B 172 19.03 13.18 15.78
CA PRO B 172 19.86 12.22 16.51
C PRO B 172 19.70 12.27 18.03
N ALA B 173 19.71 13.48 18.59
CA ALA B 173 19.57 13.69 20.03
C ALA B 173 18.28 13.08 20.60
N LEU B 174 17.22 13.07 19.81
CA LEU B 174 15.91 12.55 20.23
C LEU B 174 15.51 11.24 19.52
N SER B 175 16.50 10.47 19.10
CA SER B 175 16.23 9.17 18.44
C SER B 175 15.64 8.15 19.42
N ASP B 176 15.81 8.40 20.72
CA ASP B 176 15.24 7.55 21.78
C ASP B 176 13.72 7.73 21.92
N ASN B 177 13.23 8.96 21.78
CA ASN B 177 11.80 9.27 21.86
C ASN B 177 11.22 9.71 20.52
N ARG B 178 10.47 8.81 19.89
CA ARG B 178 9.84 9.10 18.60
C ARG B 178 8.83 10.25 18.70
N THR B 179 8.03 10.25 19.77
CA THR B 179 7.05 11.31 20.01
C THR B 179 7.72 12.68 20.13
N LEU B 180 8.84 12.74 20.86
CA LEU B 180 9.61 13.97 21.01
C LEU B 180 10.31 14.38 19.71
N GLU B 181 10.71 13.40 18.92
CA GLU B 181 11.39 13.65 17.65
C GLU B 181 10.48 14.38 16.66
N ILE B 182 9.24 13.91 16.55
CA ILE B 182 8.23 14.57 15.70
C ILE B 182 7.92 15.97 16.24
N ALA B 183 7.80 16.09 17.55
CA ALA B 183 7.51 17.37 18.20
C ALA B 183 8.56 18.43 17.90
N GLU B 184 9.83 18.01 17.86
CA GLU B 184 10.95 18.92 17.55
C GLU B 184 10.96 19.33 16.08
N ILE B 185 10.75 18.36 15.20
CA ILE B 185 10.70 18.62 13.75
C ILE B 185 9.57 19.60 13.44
N SER B 186 8.41 19.35 14.04
CA SER B 186 7.23 20.17 13.82
C SER B 186 7.48 21.64 14.16
N ARG B 187 7.93 21.91 15.38
CA ARG B 187 8.20 23.29 15.81
C ARG B 187 9.35 23.93 15.03
N SER B 188 10.35 23.13 14.67
CA SER B 188 11.48 23.62 13.88
C SER B 188 11.02 24.17 12.54
N LEU B 189 10.09 23.45 11.90
CA LEU B 189 9.53 23.88 10.62
C LEU B 189 8.68 25.15 10.77
N LYS B 190 7.95 25.26 11.88
CA LYS B 190 7.18 26.46 12.19
C LYS B 190 8.14 27.64 12.42
N ALA B 191 9.16 27.42 13.24
CA ALA B 191 10.20 28.42 13.48
C ALA B 191 10.86 28.87 12.17
N LEU B 192 11.11 27.91 11.28
CA LEU B 192 11.71 28.19 9.98
C LEU B 192 10.77 29.03 9.11
N ALA B 193 9.48 28.73 9.17
CA ALA B 193 8.48 29.51 8.46
C ALA B 193 8.54 30.98 8.84
N LYS B 194 8.64 31.24 10.14
CA LYS B 194 8.72 32.61 10.66
C LYS B 194 10.01 33.33 10.25
N GLU B 195 11.14 32.70 10.55
CA GLU B 195 12.46 33.28 10.26
C GLU B 195 12.58 33.75 8.80
N LEU B 196 12.25 32.86 7.87
CA LEU B 196 12.31 33.16 6.44
C LEU B 196 11.06 33.88 5.93
N ASN B 197 10.01 33.89 6.74
CA ASN B 197 8.73 34.51 6.38
C ASN B 197 8.18 33.87 5.10
N VAL B 198 7.99 32.56 5.17
CA VAL B 198 7.63 31.76 4.01
C VAL B 198 6.66 30.64 4.42
N PRO B 199 5.72 30.28 3.53
CA PRO B 199 4.92 29.09 3.82
C PRO B 199 5.73 27.83 3.64
N VAL B 200 5.72 26.96 4.65
CA VAL B 200 6.39 25.66 4.54
C VAL B 200 5.31 24.58 4.53
N VAL B 201 5.30 23.77 3.47
CA VAL B 201 4.33 22.69 3.34
C VAL B 201 5.02 21.38 3.74
N ALA B 202 4.59 20.83 4.87
CA ALA B 202 5.18 19.61 5.40
C ALA B 202 4.17 18.48 5.32
N LEU B 203 4.53 17.42 4.59
CA LEU B 203 3.63 16.30 4.38
C LEU B 203 3.71 15.34 5.55
N SER B 204 2.58 14.73 5.90
CA SER B 204 2.53 13.79 7.02
C SER B 204 1.70 12.55 6.69
N GLN B 205 2.20 11.40 7.10
CA GLN B 205 1.48 10.14 6.97
C GLN B 205 0.45 10.05 8.09
N LEU B 206 -0.55 9.20 7.88
CA LEU B 206 -1.58 8.92 8.88
C LEU B 206 -1.60 7.42 9.14
N ASN B 207 -1.70 7.02 10.40
CA ASN B 207 -1.76 5.60 10.75
C ASN B 207 -3.11 4.99 10.41
N ARG B 208 -3.15 3.67 10.35
CA ARG B 208 -4.32 2.94 9.85
C ARG B 208 -5.55 2.96 10.76
N SER B 209 -5.39 3.42 12.00
CA SER B 209 -6.49 3.39 12.97
C SER B 209 -7.79 3.99 12.45
N LEU B 210 -7.69 5.04 11.62
CA LEU B 210 -8.86 5.69 11.06
C LEU B 210 -9.66 4.81 10.09
N GLU B 211 -8.97 3.86 9.45
CA GLU B 211 -9.62 2.94 8.51
C GLU B 211 -10.52 1.90 9.19
N GLN B 212 -10.55 1.89 10.52
CA GLN B 212 -11.54 1.13 11.27
C GLN B 212 -12.93 1.79 11.23
N ARG B 213 -12.96 3.11 11.00
CA ARG B 213 -14.22 3.85 10.89
C ARG B 213 -14.91 3.56 9.56
N ALA B 214 -16.23 3.73 9.55
CA ALA B 214 -17.02 3.65 8.33
C ALA B 214 -16.63 4.81 7.41
N ASP B 215 -16.64 6.02 7.97
CA ASP B 215 -16.22 7.21 7.25
C ASP B 215 -14.70 7.34 7.35
N LYS B 216 -14.01 7.09 6.25
CA LYS B 216 -12.54 7.03 6.24
C LYS B 216 -11.89 8.37 5.85
N ARG B 217 -12.67 9.45 5.85
CA ARG B 217 -12.11 10.79 5.67
C ARG B 217 -11.31 11.14 6.93
N PRO B 218 -10.06 11.57 6.77
CA PRO B 218 -9.26 11.89 7.95
C PRO B 218 -9.81 13.07 8.76
N VAL B 219 -9.80 12.93 10.08
CA VAL B 219 -10.14 14.00 11.02
C VAL B 219 -8.84 14.45 11.68
N ASN B 220 -8.83 15.67 12.23
CA ASN B 220 -7.68 16.18 12.97
C ASN B 220 -7.17 15.25 14.09
N SER B 221 -8.10 14.48 14.68
CA SER B 221 -7.75 13.50 15.72
C SER B 221 -6.75 12.44 15.27
N ASP B 222 -6.63 12.25 13.95
CA ASP B 222 -5.73 11.25 13.38
C ASP B 222 -4.27 11.72 13.32
N LEU B 223 -3.98 12.91 13.84
CA LEU B 223 -2.61 13.44 13.90
C LEU B 223 -1.98 13.47 15.30
N ARG B 224 -2.80 13.42 16.35
CA ARG B 224 -2.28 13.28 17.71
C ARG B 224 -1.55 11.94 17.90
N GLU B 225 -2.00 10.92 17.17
CA GLU B 225 -1.36 9.60 17.19
C GLU B 225 -0.01 9.59 16.46
N SER B 226 0.19 10.54 15.56
CA SER B 226 1.49 10.76 14.91
C SER B 226 2.41 11.60 15.79
N GLY B 227 1.88 12.69 16.34
CA GLY B 227 2.65 13.57 17.23
C GLY B 227 1.98 14.90 17.52
N SER B 228 2.79 15.91 17.85
CA SER B 228 2.30 17.25 18.16
C SER B 228 2.29 18.16 16.91
N ILE B 229 1.91 17.57 15.78
CA ILE B 229 1.85 18.29 14.50
C ILE B 229 0.60 19.16 14.44
N GLU B 230 -0.51 18.63 14.97
CA GLU B 230 -1.79 19.34 14.99
C GLU B 230 -1.69 20.69 15.67
N GLN B 231 -0.95 20.75 16.77
CA GLN B 231 -0.84 21.98 17.57
C GLN B 231 -0.02 23.06 16.84
N ASP B 232 1.12 22.67 16.29
CA ASP B 232 2.04 23.61 15.65
C ASP B 232 1.53 24.12 14.29
N ALA B 233 0.71 23.34 13.62
CA ALA B 233 0.23 23.66 12.27
C ALA B 233 -0.75 24.83 12.27
N ASP B 234 -0.59 25.72 11.30
CA ASP B 234 -1.50 26.84 11.08
C ASP B 234 -2.56 26.52 10.02
N LEU B 235 -2.26 25.54 9.18
CA LEU B 235 -3.20 25.08 8.14
C LEU B 235 -3.01 23.59 7.92
N ILE B 236 -4.11 22.83 8.04
CA ILE B 236 -4.09 21.38 7.87
C ILE B 236 -5.03 20.97 6.75
N MET B 237 -4.48 20.31 5.74
CA MET B 237 -5.25 19.83 4.60
C MET B 237 -5.09 18.33 4.48
N PHE B 238 -6.21 17.62 4.44
CA PHE B 238 -6.22 16.17 4.22
C PHE B 238 -6.64 15.86 2.78
N ILE B 239 -6.04 14.84 2.20
CA ILE B 239 -6.46 14.32 0.90
C ILE B 239 -7.26 13.04 1.12
N TYR B 240 -8.40 12.94 0.43
CA TYR B 240 -9.21 11.73 0.45
C TYR B 240 -9.79 11.48 -0.94
N ARG B 241 -9.52 10.29 -1.47
CA ARG B 241 -10.06 9.86 -2.75
C ARG B 241 -10.83 8.57 -2.54
N ASP B 242 -12.14 8.67 -2.58
CA ASP B 242 -13.03 7.51 -2.39
C ASP B 242 -12.63 6.36 -3.30
N GLU B 243 -12.16 6.70 -4.50
CA GLU B 243 -11.72 5.74 -5.52
C GLU B 243 -10.76 4.64 -5.02
N VAL B 244 -9.86 4.98 -4.08
CA VAL B 244 -8.88 4.01 -3.60
C VAL B 244 -9.47 2.97 -2.65
N TYR B 245 -10.44 3.39 -1.84
CA TYR B 245 -11.12 2.48 -0.91
C TYR B 245 -12.20 1.66 -1.59
N HIS B 246 -12.74 2.20 -2.69
CA HIS B 246 -13.80 1.54 -3.46
C HIS B 246 -13.54 1.76 -4.94
N GLU B 247 -12.98 0.73 -5.58
CA GLU B 247 -12.52 0.82 -6.97
C GLU B 247 -13.70 1.02 -7.93
N ASN B 248 -14.76 0.26 -7.72
CA ASN B 248 -16.00 0.41 -8.50
C ASN B 248 -16.98 1.37 -7.81
N SER B 249 -17.12 2.56 -8.39
CA SER B 249 -18.01 3.60 -7.86
C SER B 249 -18.21 4.69 -8.90
N ASP B 250 -19.19 5.55 -8.67
CA ASP B 250 -19.49 6.65 -9.60
C ASP B 250 -18.78 7.96 -9.19
N LEU B 251 -17.64 7.82 -8.52
CA LEU B 251 -16.80 8.96 -8.13
C LEU B 251 -15.38 8.78 -8.66
N LYS B 252 -15.25 8.19 -9.84
CA LYS B 252 -13.94 7.96 -10.46
C LYS B 252 -13.32 9.30 -10.87
N GLY B 253 -12.06 9.49 -10.51
CA GLY B 253 -11.32 10.70 -10.85
C GLY B 253 -11.56 11.88 -9.90
N ILE B 254 -12.50 11.71 -8.97
CA ILE B 254 -12.83 12.77 -8.01
C ILE B 254 -11.98 12.61 -6.75
N ALA B 255 -11.48 13.74 -6.28
CA ALA B 255 -10.73 13.82 -5.04
C ALA B 255 -11.26 14.99 -4.24
N GLU B 256 -10.87 15.06 -2.97
CA GLU B 256 -11.26 16.19 -2.13
C GLU B 256 -10.16 16.58 -1.16
N ILE B 257 -9.88 17.88 -1.13
CA ILE B 257 -8.94 18.46 -0.19
C ILE B 257 -9.80 18.97 0.97
N ILE B 258 -9.56 18.42 2.15
CA ILE B 258 -10.33 18.76 3.34
C ILE B 258 -9.50 19.66 4.24
N ILE B 259 -9.87 20.92 4.35
CA ILE B 259 -9.25 21.81 5.33
C ILE B 259 -9.80 21.42 6.70
N GLY B 260 -8.96 20.78 7.50
CA GLY B 260 -9.35 20.36 8.85
C GLY B 260 -9.21 21.50 9.85
N LYS B 261 -8.25 22.38 9.59
CA LYS B 261 -7.95 23.50 10.48
C LYS B 261 -7.32 24.63 9.68
N GLN B 262 -7.72 25.86 9.99
CA GLN B 262 -7.06 27.03 9.43
C GLN B 262 -7.14 28.22 10.38
N ARG B 263 -5.97 28.78 10.70
CA ARG B 263 -5.87 30.01 11.48
C ARG B 263 -6.55 31.16 10.74
N ASN B 264 -6.15 31.35 9.49
CA ASN B 264 -6.56 32.48 8.67
C ASN B 264 -8.07 32.62 8.47
N GLY B 265 -8.76 31.50 8.26
CA GLY B 265 -10.18 31.52 7.88
C GLY B 265 -10.93 30.25 8.23
N PRO B 266 -11.96 29.90 7.43
CA PRO B 266 -12.87 28.82 7.78
C PRO B 266 -12.40 27.44 7.30
N ILE B 267 -12.80 26.42 8.04
CA ILE B 267 -12.57 25.03 7.65
C ILE B 267 -13.67 24.56 6.70
N GLY B 268 -13.36 23.55 5.90
CA GLY B 268 -14.30 23.01 4.92
C GLY B 268 -13.60 22.20 3.85
N THR B 269 -14.39 21.59 2.97
CA THR B 269 -13.88 20.70 1.93
C THR B 269 -13.86 21.39 0.56
N VAL B 270 -12.93 20.96 -0.28
CA VAL B 270 -12.81 21.46 -1.65
C VAL B 270 -12.62 20.26 -2.59
N ARG B 271 -13.55 20.08 -3.51
CA ARG B 271 -13.50 18.95 -4.45
C ARG B 271 -12.64 19.26 -5.67
N LEU B 272 -11.85 18.27 -6.09
CA LEU B 272 -10.90 18.41 -7.18
C LEU B 272 -11.01 17.21 -8.13
N THR B 273 -10.47 17.40 -9.33
CA THR B 273 -10.32 16.34 -10.31
C THR B 273 -8.88 15.85 -10.23
N PHE B 274 -8.65 14.59 -10.58
CA PHE B 274 -7.32 13.97 -10.50
C PHE B 274 -7.04 13.12 -11.74
N ASN B 275 -5.78 13.14 -12.18
CA ASN B 275 -5.33 12.31 -13.29
C ASN B 275 -4.03 11.62 -12.91
N GLY B 276 -4.07 10.30 -12.84
CA GLY B 276 -2.95 9.51 -12.32
C GLY B 276 -1.76 9.34 -13.25
N GLN B 277 -2.03 9.37 -14.57
CA GLN B 277 -0.99 9.09 -15.57
C GLN B 277 0.11 10.17 -15.65
N TRP B 278 -0.28 11.43 -15.57
CA TRP B 278 0.67 12.56 -15.54
C TRP B 278 0.73 13.26 -14.18
N SER B 279 0.08 12.68 -13.18
CA SER B 279 0.20 13.12 -11.79
C SER B 279 -0.15 14.59 -11.59
N ARG B 280 -1.44 14.92 -11.73
CA ARG B 280 -1.90 16.29 -11.51
C ARG B 280 -3.37 16.39 -11.09
N PHE B 281 -3.65 17.37 -10.24
CA PHE B 281 -5.01 17.70 -9.83
C PHE B 281 -5.53 18.87 -10.67
N ASP B 282 -6.85 18.91 -10.84
CA ASP B 282 -7.52 19.92 -11.65
C ASP B 282 -8.71 20.49 -10.91
N ASN B 283 -9.11 21.71 -11.28
CA ASN B 283 -10.28 22.35 -10.70
C ASN B 283 -11.57 21.63 -11.07
N TYR B 284 -12.56 21.71 -10.19
CA TYR B 284 -13.82 20.99 -10.33
C TYR B 284 -14.96 21.91 -9.91
N ALA B 285 -16.01 21.97 -10.73
CA ALA B 285 -17.12 22.91 -10.52
C ALA B 285 -18.39 22.23 -10.00
N GLY B 286 -18.22 21.14 -9.26
CA GLY B 286 -19.34 20.36 -8.74
C GLY B 286 -20.12 19.68 -9.86
N PRO B 287 -21.33 19.18 -9.54
CA PRO B 287 -22.23 18.68 -10.58
C PRO B 287 -22.73 19.80 -11.51
N GLN B 288 -22.40 19.68 -12.79
CA GLN B 288 -22.85 20.65 -13.80
C GLN B 288 -24.09 20.10 -14.50
N TYR B 289 -25.23 20.72 -14.24
CA TYR B 289 -26.50 20.31 -14.85
C TYR B 289 -26.78 21.02 -16.18
N ASP B 290 -25.74 21.54 -16.83
CA ASP B 290 -25.90 22.32 -18.06
C ASP B 290 -26.41 21.44 -19.20
N ASP B 291 -25.67 20.37 -19.47
CA ASP B 291 -26.00 19.42 -20.54
C ASP B 291 -27.01 18.35 -20.10
N GLU B 292 -27.15 18.18 -18.78
CA GLU B 292 -28.03 17.14 -18.22
C GLU B 292 -29.50 17.47 -18.46
N VAL C 4 9.09 -10.32 30.42
CA VAL C 4 8.67 -11.76 30.49
C VAL C 4 7.94 -12.11 31.80
N GLY C 5 8.41 -11.57 32.91
CA GLY C 5 7.83 -11.85 34.22
C GLY C 5 6.46 -11.23 34.44
N ASP C 6 6.40 -9.91 34.41
CA ASP C 6 5.18 -9.16 34.69
C ASP C 6 4.09 -9.36 33.64
N LEU C 7 4.49 -9.62 32.40
CA LEU C 7 3.53 -9.83 31.31
C LEU C 7 2.80 -11.17 31.46
N MET C 8 3.51 -12.20 31.93
CA MET C 8 2.91 -13.52 32.20
C MET C 8 1.94 -13.49 33.38
N GLN C 9 2.15 -12.56 34.30
CA GLN C 9 1.25 -12.37 35.45
C GLN C 9 -0.13 -11.93 35.00
N ARG C 10 -0.19 -10.83 34.26
CA ARG C 10 -1.45 -10.29 33.74
C ARG C 10 -2.17 -11.25 32.79
N LEU C 11 -1.42 -12.11 32.10
CA LEU C 11 -2.00 -13.12 31.20
C LEU C 11 -3.08 -13.95 31.86
N GLN C 12 -2.81 -14.40 33.09
CA GLN C 12 -3.71 -15.33 33.80
C GLN C 12 -4.68 -14.64 34.80
N LYS C 13 -4.56 -13.31 34.94
CA LYS C 13 -5.53 -12.54 35.73
C LYS C 13 -6.92 -12.53 35.05
N MET C 14 -6.93 -12.68 33.73
CA MET C 14 -8.16 -12.75 32.95
C MET C 14 -8.93 -14.03 33.25
N MET C 15 -8.19 -15.13 33.37
CA MET C 15 -8.78 -16.45 33.59
C MET C 15 -9.13 -16.68 35.06
N PRO C 16 -9.90 -17.74 35.34
CA PRO C 16 -10.04 -18.22 36.72
C PRO C 16 -8.72 -18.80 37.26
N ALA C 17 -8.67 -19.00 38.58
CA ALA C 17 -7.43 -19.40 39.25
C ALA C 17 -7.00 -20.85 38.99
N HIS C 18 -7.94 -21.72 38.63
CA HIS C 18 -7.68 -23.16 38.55
C HIS C 18 -7.10 -23.66 37.22
N ILE C 19 -7.00 -22.78 36.22
CA ILE C 19 -6.54 -23.16 34.88
C ILE C 19 -5.02 -23.21 34.84
N LYS C 20 -4.49 -24.19 34.10
CA LYS C 20 -3.06 -24.30 33.83
C LYS C 20 -2.83 -24.54 32.33
N PRO C 21 -1.63 -24.22 31.82
CA PRO C 21 -1.38 -24.35 30.38
C PRO C 21 -1.42 -25.80 29.89
N ALA C 22 -2.11 -26.03 28.78
CA ALA C 22 -2.25 -27.36 28.20
C ALA C 22 -0.98 -27.85 27.51
N PHE C 23 -0.14 -26.92 27.05
CA PHE C 23 1.10 -27.25 26.36
C PHE C 23 2.27 -26.45 26.93
N LYS C 24 3.39 -27.14 27.15
CA LYS C 24 4.62 -26.50 27.64
C LYS C 24 5.66 -26.29 26.52
N THR C 25 5.52 -27.05 25.42
CA THR C 25 6.42 -26.92 24.28
C THR C 25 5.65 -26.91 22.96
N GLY C 26 6.27 -26.33 21.93
CA GLY C 26 5.66 -26.25 20.60
C GLY C 26 5.50 -27.58 19.90
N GLU C 27 6.37 -28.54 20.24
CA GLU C 27 6.30 -29.89 19.68
C GLU C 27 5.04 -30.62 20.16
N GLU C 28 4.68 -30.40 21.42
CA GLU C 28 3.47 -30.98 22.01
C GLU C 28 2.21 -30.39 21.36
N LEU C 29 2.24 -29.10 21.07
CA LEU C 29 1.13 -28.42 20.41
C LEU C 29 0.87 -28.99 19.01
N LEU C 30 1.95 -29.17 18.24
CA LEU C 30 1.84 -29.72 16.87
C LEU C 30 1.51 -31.21 16.86
N ALA C 31 1.88 -31.92 17.92
CA ALA C 31 1.47 -33.31 18.10
C ALA C 31 -0.05 -33.39 18.23
N TRP C 32 -0.59 -32.49 19.06
CA TRP C 32 -2.04 -32.36 19.25
C TRP C 32 -2.74 -31.82 18.01
N GLN C 33 -2.08 -30.89 17.31
CA GLN C 33 -2.61 -30.30 16.09
C GLN C 33 -2.86 -31.35 15.01
N LYS C 34 -1.88 -32.22 14.80
CA LYS C 34 -2.01 -33.33 13.85
C LYS C 34 -3.06 -34.34 14.31
N GLU C 35 -3.06 -34.65 15.60
CA GLU C 35 -4.03 -35.56 16.18
C GLU C 35 -5.46 -35.08 15.98
N GLN C 36 -5.72 -33.84 16.41
CA GLN C 36 -7.05 -33.25 16.31
C GLN C 36 -7.48 -33.05 14.85
N GLY C 37 -6.52 -32.71 14.00
CA GLY C 37 -6.77 -32.55 12.57
C GLY C 37 -7.07 -33.86 11.87
N ALA C 38 -6.28 -34.88 12.18
CA ALA C 38 -6.44 -36.21 11.58
C ALA C 38 -7.82 -36.80 11.83
N ILE C 39 -8.25 -36.77 13.09
CA ILE C 39 -9.54 -37.35 13.49
C ILE C 39 -10.75 -36.55 12.95
N ARG C 40 -10.63 -35.23 12.93
CA ARG C 40 -11.73 -34.37 12.48
C ARG C 40 -11.86 -34.41 10.95
N SER C 41 -10.74 -34.46 10.25
CA SER C 41 -10.73 -34.59 8.79
C SER C 41 -11.37 -35.91 8.34
N ALA C 42 -11.13 -36.97 9.12
CA ALA C 42 -11.75 -38.27 8.88
C ALA C 42 -13.25 -38.23 9.17
N ALA C 43 -13.61 -37.56 10.27
CA ALA C 43 -15.01 -37.42 10.68
C ALA C 43 -15.83 -36.65 9.66
N LEU C 44 -15.31 -35.51 9.21
CA LEU C 44 -15.96 -34.72 8.16
C LEU C 44 -16.14 -35.53 6.88
N GLU C 45 -15.06 -36.18 6.45
CA GLU C 45 -15.07 -37.03 5.25
C GLU C 45 -16.11 -38.13 5.37
N ARG C 46 -16.20 -38.75 6.55
CA ARG C 46 -17.18 -39.81 6.80
C ARG C 46 -18.62 -39.31 6.66
N GLU C 47 -18.89 -38.15 7.25
CA GLU C 47 -20.25 -37.60 7.35
C GLU C 47 -20.86 -37.25 5.99
N ASN C 48 -20.13 -36.49 5.18
CA ASN C 48 -20.65 -36.02 3.88
C ASN C 48 -20.73 -37.12 2.82
N ARG C 49 -19.81 -38.08 2.88
CA ARG C 49 -19.90 -39.30 2.06
C ARG C 49 -21.15 -40.10 2.45
N ALA C 50 -21.39 -40.21 3.75
CA ALA C 50 -22.61 -40.84 4.27
C ALA C 50 -23.80 -39.89 4.16
N GLY D 5 21.07 28.49 -24.00
CA GLY D 5 20.55 27.22 -23.39
C GLY D 5 21.06 25.99 -24.11
N ASP D 6 22.16 25.43 -23.62
CA ASP D 6 22.75 24.22 -24.20
C ASP D 6 21.90 22.97 -23.94
N LEU D 7 21.09 23.00 -22.89
CA LEU D 7 20.17 21.90 -22.58
C LEU D 7 19.05 21.82 -23.62
N MET D 8 18.61 22.97 -24.11
CA MET D 8 17.59 23.04 -25.15
C MET D 8 18.06 22.46 -26.48
N GLN D 9 19.31 22.78 -26.86
CA GLN D 9 19.88 22.28 -28.10
C GLN D 9 20.01 20.76 -28.11
N ARG D 10 20.47 20.20 -26.99
CA ARG D 10 20.56 18.75 -26.83
C ARG D 10 19.22 18.06 -27.07
N LEU D 11 18.15 18.67 -26.56
CA LEU D 11 16.80 18.14 -26.70
C LEU D 11 16.32 18.19 -28.15
N GLN D 12 16.67 19.27 -28.85
CA GLN D 12 16.23 19.49 -30.23
C GLN D 12 16.69 18.42 -31.23
N LYS D 13 17.90 17.90 -31.04
CA LYS D 13 18.42 16.85 -31.93
C LYS D 13 17.61 15.54 -31.80
N MET D 14 17.10 15.28 -30.60
CA MET D 14 16.21 14.14 -30.37
C MET D 14 14.82 14.41 -30.96
N MET D 15 14.38 15.66 -30.88
CA MET D 15 13.09 16.09 -31.43
C MET D 15 13.15 16.26 -32.95
N PRO D 16 11.98 16.29 -33.62
CA PRO D 16 11.93 16.72 -35.02
C PRO D 16 12.21 18.22 -35.17
N ALA D 17 12.61 18.62 -36.38
CA ALA D 17 12.97 20.02 -36.64
C ALA D 17 11.76 20.95 -36.74
N HIS D 18 10.62 20.41 -37.14
CA HIS D 18 9.43 21.23 -37.43
C HIS D 18 8.57 21.60 -36.23
N ILE D 19 8.75 20.90 -35.10
CA ILE D 19 7.95 21.19 -33.88
C ILE D 19 8.41 22.48 -33.18
N LYS D 20 7.43 23.22 -32.66
CA LYS D 20 7.69 24.46 -31.94
C LYS D 20 7.40 24.25 -30.45
N PRO D 21 8.02 25.06 -29.57
CA PRO D 21 7.65 24.99 -28.16
C PRO D 21 6.22 25.50 -27.96
N ALA D 22 5.41 24.71 -27.24
CA ALA D 22 3.98 25.00 -27.09
C ALA D 22 3.71 26.22 -26.21
N PHE D 23 4.66 26.57 -25.35
CA PHE D 23 4.49 27.67 -24.41
C PHE D 23 5.69 28.61 -24.38
N LYS D 24 5.40 29.90 -24.30
CA LYS D 24 6.43 30.94 -24.21
C LYS D 24 6.63 31.36 -22.75
N THR D 25 5.53 31.50 -22.02
CA THR D 25 5.55 31.94 -20.62
C THR D 25 4.78 31.01 -19.68
N GLY D 26 5.01 31.18 -18.39
CA GLY D 26 4.36 30.37 -17.35
C GLY D 26 2.89 30.64 -17.16
N GLU D 27 2.47 31.89 -17.37
CA GLU D 27 1.06 32.27 -17.27
C GLU D 27 0.21 31.63 -18.38
N GLU D 28 0.83 31.42 -19.53
CA GLU D 28 0.20 30.76 -20.68
C GLU D 28 0.00 29.26 -20.38
N LEU D 29 1.00 28.66 -19.74
CA LEU D 29 0.94 27.26 -19.34
C LEU D 29 -0.26 26.98 -18.44
N LEU D 30 -0.42 27.80 -17.41
CA LEU D 30 -1.52 27.64 -16.46
C LEU D 30 -2.88 28.05 -17.03
N ALA D 31 -2.88 28.97 -17.99
CA ALA D 31 -4.09 29.31 -18.73
C ALA D 31 -4.61 28.09 -19.49
N TRP D 32 -3.71 27.39 -20.15
CA TRP D 32 -4.02 26.16 -20.87
C TRP D 32 -4.35 25.03 -19.91
N GLN D 33 -3.63 24.98 -18.79
CA GLN D 33 -3.88 23.98 -17.75
C GLN D 33 -5.32 24.05 -17.25
N LYS D 34 -5.81 25.26 -16.99
CA LYS D 34 -7.20 25.48 -16.56
C LYS D 34 -8.18 25.07 -17.66
N GLU D 35 -7.87 25.43 -18.90
CA GLU D 35 -8.68 25.05 -20.06
C GLU D 35 -8.79 23.53 -20.18
N GLN D 36 -7.64 22.88 -20.22
CA GLN D 36 -7.57 21.43 -20.40
C GLN D 36 -8.16 20.69 -19.18
N GLY D 37 -8.02 21.30 -18.01
CA GLY D 37 -8.62 20.76 -16.78
C GLY D 37 -10.14 20.84 -16.78
N ALA D 38 -10.67 21.98 -17.20
CA ALA D 38 -12.12 22.21 -17.22
C ALA D 38 -12.87 21.21 -18.10
N ILE D 39 -12.35 20.97 -19.30
CA ILE D 39 -13.00 20.04 -20.24
C ILE D 39 -12.87 18.58 -19.81
N ARG D 40 -11.72 18.22 -19.22
CA ARG D 40 -11.51 16.84 -18.74
C ARG D 40 -12.30 16.60 -17.46
N SER D 41 -12.39 17.62 -16.61
CA SER D 41 -13.22 17.58 -15.41
C SER D 41 -14.70 17.37 -15.76
N ALA D 42 -15.15 18.05 -16.81
CA ALA D 42 -16.52 17.90 -17.30
C ALA D 42 -16.76 16.52 -17.90
N ALA D 43 -15.74 15.99 -18.60
CA ALA D 43 -15.80 14.67 -19.20
C ALA D 43 -15.99 13.58 -18.14
N LEU D 44 -15.22 13.67 -17.06
CA LEU D 44 -15.33 12.73 -15.93
C LEU D 44 -16.74 12.69 -15.36
N GLU D 45 -17.28 13.86 -15.06
CA GLU D 45 -18.65 13.97 -14.56
C GLU D 45 -19.63 13.31 -15.54
N ARG D 46 -19.42 13.56 -16.83
CA ARG D 46 -20.25 12.98 -17.89
C ARG D 46 -20.15 11.46 -17.89
N GLU D 47 -18.91 10.95 -17.81
CA GLU D 47 -18.66 9.50 -17.82
C GLU D 47 -19.17 8.81 -16.55
N ASN D 48 -19.02 9.48 -15.41
CA ASN D 48 -19.53 8.97 -14.14
C ASN D 48 -21.06 8.89 -14.07
N ARG D 49 -21.74 9.80 -14.78
CA ARG D 49 -23.21 9.78 -14.85
C ARG D 49 -23.73 8.51 -15.55
N ALA D 50 -22.96 8.00 -16.50
CA ALA D 50 -23.24 6.70 -17.10
C ALA D 50 -22.77 5.60 -16.14
N MET D 51 -23.74 4.87 -15.59
CA MET D 51 -23.45 3.91 -14.52
C MET D 51 -23.17 2.51 -15.05
N LYS D 52 -21.90 2.11 -15.03
CA LYS D 52 -21.48 0.80 -15.53
C LYS D 52 -21.93 -0.33 -14.59
#